data_7S08
#
_entry.id   7S08
#
_cell.length_a   187.194
_cell.length_b   40.222
_cell.length_c   135.151
_cell.angle_alpha   90.000
_cell.angle_beta   110.540
_cell.angle_gamma   90.000
#
_symmetry.space_group_name_H-M   'C 1 2 1'
#
loop_
_entity.id
_entity.type
_entity.pdbx_description
1 polymer '770F7 Fab Heavy chain'
2 polymer '770F7 Fab Light chain'
3 non-polymer GLYCEROL
4 water water
#
loop_
_entity_poly.entity_id
_entity_poly.type
_entity_poly.pdbx_seq_one_letter_code
_entity_poly.pdbx_strand_id
1 'polypeptide(L)'
;QVQFQQWGAGLLKPSETLSLTCGVYGGSLSGYYWSWIRQTPGKGLEWIGEINHTGTTNYNPSLKSRVTMSVDTSKNQFSL
KMSSLTAADTALYYCAREGAPRWALKRPSNWFDPWGQGTLVTVSSASTKGPSVFPLAPSSKSTSGGTAALGCLVKDYFPE
PVTVSWNSGALTSGVHTFPAVLQSSGLYSLSSVVTVPSSSLGTQTYICNVNHKPSNTKVDKKVEPKSCDK
;
H,A
2 'polypeptide(L)'
;EIVLTQSPVSLSLSPGERATLSCRASQSISSTYLAWYQQIPGQAPRLLIYGASSRAAGIPDRFSGGGSGTDFTLTISRLE
PEDFAVYYCQQYGSSPRSFGQGTKLEIKRTVAAPSVFIFPPSDEQLKSGTASVVCLLNNFYPREAKVQWKVDNALQSGNS
QESVTEQDSKDSTYSLSSTLTLSKADYEKHKVYACEVTHQGLSSPVTKSFNRGEC
;
L,B
#
# COMPACT_ATOMS: atom_id res chain seq x y z
N GLN A 1 9.80 -27.39 3.70
CA GLN A 1 8.88 -27.39 2.58
C GLN A 1 7.66 -26.53 2.90
N VAL A 2 7.15 -26.66 4.12
CA VAL A 2 6.04 -25.83 4.56
C VAL A 2 6.52 -24.40 4.73
N GLN A 3 5.85 -23.46 4.05
CA GLN A 3 6.20 -22.05 4.16
C GLN A 3 4.95 -21.21 4.03
N PHE A 4 5.12 -19.92 4.28
CA PHE A 4 3.98 -18.99 4.33
C PHE A 4 4.11 -17.80 3.40
N GLN A 5 2.97 -17.32 2.97
CA GLN A 5 2.92 -16.03 2.26
C GLN A 5 1.87 -15.25 3.02
N GLN A 6 2.20 -14.00 3.25
CA GLN A 6 1.32 -13.18 4.08
C GLN A 6 0.90 -11.94 3.31
N TRP A 7 -0.33 -11.53 3.50
CA TRP A 7 -0.80 -10.28 2.94
C TRP A 7 -1.85 -9.68 3.85
N GLY A 8 -2.22 -8.43 3.56
CA GLY A 8 -3.08 -7.65 4.42
C GLY A 8 -2.49 -6.28 4.69
N ALA A 9 -3.34 -5.26 4.76
CA ALA A 9 -2.87 -3.88 4.86
C ALA A 9 -2.02 -3.69 6.11
N GLY A 10 -0.96 -2.89 5.98
CA GLY A 10 -0.01 -2.71 7.06
C GLY A 10 0.06 -1.29 7.60
N LEU A 11 -0.81 -0.40 7.12
CA LEU A 11 -0.87 0.98 7.57
C LEU A 11 -2.33 1.34 7.82
N LEU A 12 -2.68 1.56 9.08
CA LEU A 12 -4.06 1.82 9.46
C LEU A 12 -4.11 2.95 10.48
N LYS A 13 -5.29 3.55 10.61
CA LYS A 13 -5.57 4.51 11.66
C LYS A 13 -6.08 3.79 12.90
N PRO A 14 -5.98 4.42 14.08
CA PRO A 14 -6.57 3.81 15.28
C PRO A 14 -8.05 3.56 15.11
N SER A 15 -8.51 2.45 15.71
CA SER A 15 -9.91 2.01 15.71
C SER A 15 -10.35 1.45 14.35
N GLU A 16 -9.40 1.21 13.47
CA GLU A 16 -9.71 0.55 12.20
C GLU A 16 -9.71 -0.95 12.43
N THR A 17 -9.87 -1.70 11.39
CA THR A 17 -9.90 -3.14 11.55
C THR A 17 -8.77 -3.76 10.74
N LEU A 18 -7.77 -4.29 11.45
CA LEU A 18 -6.65 -4.97 10.82
C LEU A 18 -7.07 -6.36 10.36
N SER A 19 -6.70 -6.71 9.12
CA SER A 19 -7.01 -8.03 8.59
C SER A 19 -5.78 -8.54 7.86
N LEU A 20 -5.29 -9.70 8.32
CA LEU A 20 -4.11 -10.32 7.75
C LEU A 20 -4.44 -11.76 7.37
N THR A 21 -3.75 -12.28 6.37
CA THR A 21 -4.00 -13.63 5.89
C THR A 21 -2.68 -14.28 5.48
N CYS A 22 -2.51 -15.54 5.87
CA CYS A 22 -1.39 -16.31 5.36
C CYS A 22 -1.91 -17.55 4.65
N GLY A 23 -1.40 -17.67 3.42
CA GLY A 23 -1.53 -18.90 2.66
C GLY A 23 -0.36 -19.82 2.97
N VAL A 24 -0.65 -21.11 3.06
CA VAL A 24 0.32 -22.12 3.44
C VAL A 24 0.67 -22.95 2.21
N TYR A 25 1.96 -23.10 1.94
CA TYR A 25 2.44 -23.90 0.82
C TYR A 25 3.33 -25.02 1.33
N GLY A 26 3.38 -26.11 0.57
CA GLY A 26 4.19 -27.26 0.93
C GLY A 26 3.58 -28.17 1.97
N GLY A 27 2.38 -27.86 2.46
CA GLY A 27 1.75 -28.70 3.46
C GLY A 27 0.32 -28.26 3.70
N SER A 28 -0.49 -29.21 4.13
CA SER A 28 -1.89 -28.87 4.34
C SER A 28 -2.12 -28.38 5.77
N LEU A 29 -3.24 -27.66 5.92
CA LEU A 29 -3.63 -27.14 7.23
C LEU A 29 -4.09 -28.24 8.16
N SER A 30 -4.73 -29.28 7.62
CA SER A 30 -5.38 -30.30 8.44
C SER A 30 -4.38 -30.98 9.36
N GLY A 31 -4.78 -31.17 10.62
CA GLY A 31 -3.96 -31.84 11.60
C GLY A 31 -3.10 -30.94 12.46
N TYR A 32 -3.03 -29.65 12.16
CA TYR A 32 -2.15 -28.73 12.88
C TYR A 32 -2.92 -27.53 13.36
N TYR A 33 -2.38 -26.89 14.40
CA TYR A 33 -2.83 -25.59 14.85
C TYR A 33 -1.89 -24.52 14.32
N TRP A 34 -2.46 -23.41 13.88
CA TRP A 34 -1.73 -22.33 13.22
C TRP A 34 -1.97 -21.04 13.99
N SER A 35 -0.89 -20.32 14.28
CA SER A 35 -0.97 -19.18 15.17
C SER A 35 -0.42 -17.92 14.54
N TRP A 36 -0.86 -16.80 15.10
CA TRP A 36 -0.30 -15.48 14.83
C TRP A 36 0.47 -15.02 16.04
N ILE A 37 1.69 -14.52 15.83
CA ILE A 37 2.54 -14.04 16.91
C ILE A 37 3.10 -12.67 16.50
N ARG A 38 3.09 -11.71 17.43
CA ARG A 38 3.58 -10.39 17.09
C ARG A 38 4.78 -10.01 17.95
N GLN A 39 5.53 -9.04 17.45
CA GLN A 39 6.75 -8.57 18.08
C GLN A 39 6.91 -7.09 17.79
N THR A 40 6.89 -6.28 18.83
CA THR A 40 7.21 -4.86 18.65
C THR A 40 8.71 -4.74 18.39
N PRO A 41 9.13 -3.97 17.39
CA PRO A 41 10.56 -3.82 17.12
C PRO A 41 11.34 -3.42 18.37
N GLY A 42 12.36 -4.21 18.70
CA GLY A 42 13.12 -4.01 19.92
C GLY A 42 12.57 -4.74 21.13
N LYS A 43 11.37 -5.30 21.03
CA LYS A 43 10.72 -6.03 22.12
C LYS A 43 10.70 -7.52 21.80
N GLY A 44 10.00 -8.27 22.64
CA GLY A 44 9.90 -9.72 22.52
C GLY A 44 8.66 -10.17 21.78
N LEU A 45 8.29 -11.43 22.01
CA LEU A 45 7.25 -12.11 21.26
C LEU A 45 5.97 -12.23 22.07
N GLU A 46 4.83 -11.98 21.42
CA GLU A 46 3.53 -12.13 22.03
C GLU A 46 2.65 -13.00 21.14
N TRP A 47 2.21 -14.12 21.68
CA TRP A 47 1.25 -14.98 20.97
C TRP A 47 -0.13 -14.34 20.97
N ILE A 48 -0.77 -14.33 19.80
CA ILE A 48 -2.09 -13.75 19.64
C ILE A 48 -3.18 -14.80 19.70
N GLY A 49 -3.09 -15.82 18.86
CA GLY A 49 -4.11 -16.85 18.81
C GLY A 49 -3.76 -17.93 17.81
N GLU A 50 -4.58 -18.98 17.85
CA GLU A 50 -4.39 -20.17 17.04
C GLU A 50 -5.73 -20.71 16.57
N ILE A 51 -5.70 -21.40 15.44
CA ILE A 51 -6.87 -22.01 14.83
C ILE A 51 -6.45 -23.32 14.16
N ASN A 52 -7.35 -24.29 14.15
CA ASN A 52 -7.13 -25.55 13.45
C ASN A 52 -8.02 -25.61 12.21
N HIS A 53 -7.94 -26.74 11.49
CA HIS A 53 -8.63 -26.84 10.20
C HIS A 53 -10.13 -27.01 10.35
N THR A 54 -10.65 -27.19 11.57
CA THR A 54 -12.09 -27.25 11.80
C THR A 54 -12.64 -25.97 12.40
N GLY A 55 -11.81 -24.93 12.56
CA GLY A 55 -12.25 -23.67 13.09
C GLY A 55 -12.13 -23.51 14.59
N THR A 56 -11.61 -24.51 15.29
CA THR A 56 -11.39 -24.38 16.73
C THR A 56 -10.32 -23.32 16.98
N THR A 57 -10.67 -22.31 17.77
CA THR A 57 -9.79 -21.18 18.01
C THR A 57 -9.42 -21.08 19.48
N ASN A 58 -8.27 -20.48 19.75
CA ASN A 58 -7.86 -20.14 21.10
C ASN A 58 -7.07 -18.84 21.05
N TYR A 59 -7.47 -17.86 21.86
CA TYR A 59 -6.90 -16.53 21.81
C TYR A 59 -6.18 -16.20 23.12
N ASN A 60 -5.22 -15.30 23.03
CA ASN A 60 -4.58 -14.73 24.21
C ASN A 60 -5.64 -14.00 25.03
N PRO A 61 -5.78 -14.29 26.33
CA PRO A 61 -6.84 -13.65 27.11
C PRO A 61 -6.78 -12.13 27.13
N SER A 62 -5.58 -11.55 27.00
CA SER A 62 -5.44 -10.10 27.00
C SER A 62 -5.83 -9.46 25.67
N LEU A 63 -6.26 -10.26 24.69
CA LEU A 63 -6.65 -9.75 23.38
C LEU A 63 -7.97 -10.31 22.87
N LYS A 64 -8.64 -11.18 23.65
CA LYS A 64 -9.79 -11.90 23.13
C LYS A 64 -10.97 -10.97 22.83
N SER A 65 -11.01 -9.79 23.42
CA SER A 65 -12.13 -8.88 23.19
C SER A 65 -12.09 -8.21 21.82
N ARG A 66 -10.96 -8.29 21.11
CA ARG A 66 -10.83 -7.57 19.85
C ARG A 66 -10.04 -8.35 18.82
N VAL A 67 -10.04 -9.68 18.92
CA VAL A 67 -9.27 -10.54 18.02
C VAL A 67 -10.09 -11.75 17.64
N THR A 68 -10.17 -12.03 16.34
CA THR A 68 -10.80 -13.25 15.84
C THR A 68 -9.91 -13.85 14.76
N MET A 69 -10.09 -15.14 14.51
CA MET A 69 -9.32 -15.83 13.49
C MET A 69 -10.24 -16.76 12.70
N SER A 70 -9.91 -16.92 11.41
CA SER A 70 -10.69 -17.63 10.42
C SER A 70 -9.80 -18.61 9.69
N VAL A 71 -10.40 -19.63 9.06
CA VAL A 71 -9.62 -20.54 8.22
C VAL A 71 -10.42 -20.83 6.95
N ASP A 72 -9.67 -20.99 5.85
CA ASP A 72 -10.22 -21.30 4.53
C ASP A 72 -9.45 -22.53 4.06
N THR A 73 -10.03 -23.71 4.29
CA THR A 73 -9.33 -24.96 3.98
C THR A 73 -9.25 -25.22 2.49
N SER A 74 -10.22 -24.71 1.72
CA SER A 74 -10.18 -24.91 0.27
C SER A 74 -9.02 -24.15 -0.37
N LYS A 75 -8.66 -22.99 0.19
CA LYS A 75 -7.52 -22.22 -0.28
C LYS A 75 -6.28 -22.43 0.56
N ASN A 76 -6.36 -23.26 1.61
CA ASN A 76 -5.23 -23.56 2.49
C ASN A 76 -4.70 -22.29 3.15
N GLN A 77 -5.61 -21.44 3.63
CA GLN A 77 -5.24 -20.16 4.22
C GLN A 77 -5.86 -20.01 5.60
N PHE A 78 -5.32 -19.07 6.36
CA PHE A 78 -5.94 -18.70 7.62
C PHE A 78 -5.68 -17.22 7.88
N SER A 79 -6.58 -16.59 8.63
CA SER A 79 -6.66 -15.14 8.73
C SER A 79 -6.85 -14.68 10.16
N LEU A 80 -6.35 -13.48 10.44
CA LEU A 80 -6.49 -12.80 11.71
C LEU A 80 -7.19 -11.45 11.49
N LYS A 81 -8.12 -11.15 12.38
CA LYS A 81 -8.83 -9.85 12.42
C LYS A 81 -8.57 -9.22 13.78
N MET A 82 -8.12 -7.99 13.82
CA MET A 82 -7.86 -7.31 15.11
C MET A 82 -8.59 -5.96 15.09
N SER A 83 -9.37 -5.70 16.12
CA SER A 83 -10.17 -4.47 16.17
C SER A 83 -9.71 -3.56 17.30
N SER A 84 -10.36 -2.41 17.42
CA SER A 84 -10.07 -1.34 18.39
C SER A 84 -8.56 -1.15 18.52
N LEU A 85 -7.98 -0.87 17.35
CA LEU A 85 -6.54 -0.75 17.23
C LEU A 85 -6.04 0.53 17.89
N THR A 86 -4.79 0.48 18.35
CA THR A 86 -4.09 1.65 18.85
C THR A 86 -2.65 1.61 18.35
N ALA A 87 -1.88 2.65 18.66
CA ALA A 87 -0.48 2.69 18.27
C ALA A 87 0.32 1.55 18.89
N ALA A 88 -0.14 1.01 20.02
CA ALA A 88 0.51 -0.12 20.65
C ALA A 88 0.41 -1.39 19.82
N ASP A 89 -0.45 -1.42 18.81
CA ASP A 89 -0.56 -2.57 17.91
C ASP A 89 0.41 -2.51 16.75
N THR A 90 1.19 -1.43 16.63
CA THR A 90 2.26 -1.38 15.65
C THR A 90 3.31 -2.43 15.97
N ALA A 91 3.51 -3.40 15.07
CA ALA A 91 4.42 -4.49 15.35
C ALA A 91 4.62 -5.32 14.09
N LEU A 92 5.62 -6.21 14.15
CA LEU A 92 5.77 -7.25 13.14
C LEU A 92 4.87 -8.42 13.49
N TYR A 93 4.12 -8.90 12.51
CA TYR A 93 3.19 -10.00 12.71
C TYR A 93 3.68 -11.21 11.91
N TYR A 94 3.71 -12.36 12.56
CA TYR A 94 4.21 -13.62 12.00
C TYR A 94 3.10 -14.65 12.02
N CYS A 95 3.10 -15.51 11.01
CA CYS A 95 2.36 -16.76 11.03
C CYS A 95 3.30 -17.88 11.45
N ALA A 96 2.76 -18.86 12.16
CA ALA A 96 3.56 -20.00 12.57
C ALA A 96 2.69 -21.23 12.65
N ARG A 97 3.31 -22.39 12.50
CA ARG A 97 2.66 -23.67 12.69
C ARG A 97 3.19 -24.30 13.97
N GLU A 98 2.35 -25.11 14.60
CA GLU A 98 2.85 -25.93 15.70
C GLU A 98 3.78 -27.00 15.14
N GLY A 99 4.81 -27.35 15.91
CA GLY A 99 5.83 -28.26 15.44
C GLY A 99 5.35 -29.70 15.26
N ALA A 100 4.24 -30.05 15.87
CA ALA A 100 3.71 -31.41 15.85
C ALA A 100 2.20 -31.33 15.70
N PRO A 101 1.58 -32.36 15.14
CA PRO A 101 0.12 -32.35 14.98
C PRO A 101 -0.59 -32.42 16.32
N ARG A 102 -1.79 -31.86 16.34
CA ARG A 102 -2.63 -31.83 17.56
C ARG A 102 -4.07 -31.71 17.11
N TRP A 103 -4.96 -32.56 17.62
CA TRP A 103 -6.38 -32.47 17.20
C TRP A 103 -7.06 -31.34 17.97
N ALA A 104 -8.31 -31.03 17.61
CA ALA A 104 -9.02 -29.80 18.04
C ALA A 104 -8.91 -29.54 19.54
N LEU A 105 -8.97 -30.53 20.43
CA LEU A 105 -8.72 -30.13 21.85
C LEU A 105 -7.65 -31.00 22.52
N LYS A 106 -6.48 -30.44 22.87
CA LYS A 106 -5.37 -31.09 23.65
C LYS A 106 -4.93 -30.04 24.67
N ARG A 107 -5.11 -30.20 25.98
CA ARG A 107 -4.94 -29.04 26.92
C ARG A 107 -3.55 -28.39 26.89
N PRO A 108 -2.42 -29.12 26.82
CA PRO A 108 -1.13 -28.47 26.69
C PRO A 108 -0.86 -28.47 25.18
N SER A 109 -0.49 -27.33 24.62
CA SER A 109 -0.11 -26.98 23.23
C SER A 109 1.24 -27.58 22.84
N ASN A 110 1.62 -27.41 21.59
CA ASN A 110 3.01 -27.73 21.15
C ASN A 110 3.83 -26.46 20.95
N TRP A 111 5.09 -26.65 20.59
CA TRP A 111 6.04 -25.57 20.27
C TRP A 111 5.78 -25.10 18.84
N PHE A 112 6.32 -23.97 18.43
CA PHE A 112 6.13 -23.52 17.02
C PHE A 112 7.35 -23.96 16.23
N ASP A 113 7.18 -24.55 15.04
CA ASP A 113 8.44 -24.90 14.35
C ASP A 113 8.60 -24.10 13.09
N PRO A 114 7.74 -24.19 12.08
CA PRO A 114 7.95 -23.35 10.95
C PRO A 114 7.32 -21.99 11.29
N TRP A 115 8.15 -20.95 11.24
CA TRP A 115 7.70 -19.53 11.39
C TRP A 115 7.80 -18.85 10.03
N GLY A 116 6.80 -18.06 9.69
CA GLY A 116 6.83 -17.19 8.54
C GLY A 116 7.58 -15.91 8.84
N GLN A 117 7.76 -15.10 7.82
CA GLN A 117 8.43 -13.82 8.00
C GLN A 117 7.50 -12.81 8.67
N GLY A 118 8.12 -11.79 9.27
CA GLY A 118 7.35 -10.76 9.95
C GLY A 118 6.94 -9.62 9.05
N THR A 119 5.64 -9.35 8.98
CA THR A 119 5.11 -8.23 8.21
C THR A 119 4.83 -7.07 9.16
N LEU A 120 5.34 -5.89 8.82
CA LEU A 120 5.15 -4.72 9.67
C LEU A 120 3.74 -4.17 9.50
N VAL A 121 3.04 -3.99 10.62
CA VAL A 121 1.75 -3.35 10.66
C VAL A 121 1.89 -2.09 11.50
N THR A 122 1.48 -0.96 10.93
CA THR A 122 1.61 0.35 11.56
C THR A 122 0.22 0.92 11.81
N VAL A 123 -0.06 1.26 13.06
CA VAL A 123 -1.32 1.90 13.44
C VAL A 123 -0.99 3.28 13.97
N SER A 124 -1.46 4.31 13.27
CA SER A 124 -1.16 5.69 13.62
C SER A 124 -2.19 6.61 12.98
N SER A 125 -2.46 7.74 13.64
CA SER A 125 -3.31 8.77 13.06
C SER A 125 -2.58 9.68 12.09
N ALA A 126 -1.25 9.55 12.00
CA ALA A 126 -0.50 10.35 11.04
C ALA A 126 -0.79 9.89 9.61
N SER A 127 -0.77 10.85 8.69
CA SER A 127 -0.94 10.46 7.30
C SER A 127 0.41 10.29 6.62
N THR A 128 0.39 9.50 5.55
CA THR A 128 1.61 9.18 4.84
C THR A 128 2.35 10.45 4.43
N LYS A 129 3.66 10.47 4.66
CA LYS A 129 4.49 11.62 4.36
C LYS A 129 5.84 11.16 3.84
N GLY A 130 6.26 11.72 2.70
CA GLY A 130 7.54 11.39 2.13
C GLY A 130 8.67 12.06 2.89
N PRO A 131 9.84 11.41 2.89
CA PRO A 131 10.96 11.96 3.65
C PRO A 131 11.61 13.15 2.97
N SER A 132 12.15 14.05 3.79
CA SER A 132 13.06 15.07 3.32
C SER A 132 14.49 14.54 3.47
N VAL A 133 15.25 14.59 2.40
CA VAL A 133 16.61 14.05 2.36
C VAL A 133 17.58 15.23 2.37
N PHE A 134 18.32 15.36 3.47
CA PHE A 134 19.26 16.45 3.65
C PHE A 134 20.69 15.94 3.61
N PRO A 135 21.60 16.60 2.90
CA PRO A 135 22.97 16.11 2.85
C PRO A 135 23.69 16.32 4.17
N LEU A 136 24.60 15.40 4.47
CA LEU A 136 25.55 15.52 5.57
C LEU A 136 26.91 15.60 4.89
N ALA A 137 27.35 16.83 4.65
CA ALA A 137 28.50 17.13 3.82
C ALA A 137 29.80 16.80 4.55
N PRO A 138 30.80 16.25 3.86
CA PRO A 138 32.11 16.09 4.47
C PRO A 138 32.81 17.44 4.59
N SER A 139 33.54 17.62 5.69
CA SER A 139 34.16 18.87 6.08
C SER A 139 35.48 18.57 6.75
N SER A 140 36.10 19.62 7.30
CA SER A 140 37.20 19.59 8.25
C SER A 140 36.87 18.75 9.48
N LYS A 141 35.64 18.93 9.92
CA LYS A 141 35.20 18.31 11.17
C LYS A 141 34.56 16.95 10.96
N SER A 142 34.63 16.41 9.75
CA SER A 142 34.21 15.04 9.48
C SER A 142 35.32 14.26 8.79
N THR A 143 36.58 14.63 9.05
CA THR A 143 37.73 13.93 8.53
C THR A 143 38.58 13.40 9.68
N SER A 144 39.35 12.35 9.39
CA SER A 144 40.24 11.76 10.39
C SER A 144 41.28 10.91 9.65
N GLY A 145 42.46 11.47 9.46
CA GLY A 145 43.57 10.76 8.87
C GLY A 145 43.30 10.17 7.49
N GLY A 146 42.93 11.01 6.54
CA GLY A 146 42.68 10.57 5.18
C GLY A 146 41.32 9.96 4.94
N THR A 147 40.49 9.81 5.97
CA THR A 147 39.15 9.25 5.88
C THR A 147 38.11 10.35 6.11
N ALA A 148 37.21 10.55 5.18
CA ALA A 148 36.15 11.54 5.30
C ALA A 148 34.80 10.84 5.41
N ALA A 149 33.96 11.34 6.31
CA ALA A 149 32.62 10.79 6.54
C ALA A 149 31.59 11.72 5.93
N LEU A 150 30.63 11.15 5.20
CA LEU A 150 29.53 11.90 4.64
C LEU A 150 28.26 11.08 4.80
N GLY A 151 27.11 11.67 4.49
CA GLY A 151 25.88 10.91 4.63
C GLY A 151 24.66 11.70 4.20
N CYS A 152 23.51 11.17 4.62
CA CYS A 152 22.25 11.84 4.39
C CYS A 152 21.30 11.55 5.55
N LEU A 153 20.55 12.60 5.86
CA LEU A 153 19.54 12.58 6.91
C LEU A 153 18.17 12.46 6.27
N VAL A 154 17.47 11.37 6.58
CA VAL A 154 16.16 11.07 6.01
C VAL A 154 15.15 11.39 7.11
N LYS A 155 14.57 12.60 7.05
CA LYS A 155 13.82 13.16 8.17
C LYS A 155 12.36 13.36 7.82
N ASP A 156 11.50 13.20 8.84
CA ASP A 156 10.08 13.53 8.75
C ASP A 156 9.37 12.72 7.67
N TYR A 157 9.37 11.41 7.86
CA TYR A 157 8.66 10.49 6.98
C TYR A 157 7.78 9.56 7.81
N PHE A 158 6.76 9.01 7.14
CA PHE A 158 5.83 8.08 7.77
C PHE A 158 5.08 7.33 6.68
N PRO A 159 4.91 6.01 6.80
CA PRO A 159 5.47 5.21 7.89
C PRO A 159 6.78 4.54 7.50
N GLU A 160 7.22 3.59 8.33
CA GLU A 160 8.31 2.71 7.95
C GLU A 160 7.85 1.80 6.83
N PRO A 161 8.79 1.28 6.01
CA PRO A 161 10.23 1.54 6.08
C PRO A 161 10.71 2.52 5.03
N VAL A 162 12.02 2.75 5.02
CA VAL A 162 12.71 3.42 3.92
C VAL A 162 13.93 2.59 3.58
N THR A 163 14.22 2.47 2.29
CA THR A 163 15.45 1.82 1.85
C THR A 163 16.44 2.87 1.40
N VAL A 164 17.69 2.71 1.82
CA VAL A 164 18.76 3.65 1.50
C VAL A 164 19.90 2.89 0.85
N SER A 165 20.34 3.36 -0.31
CA SER A 165 21.49 2.84 -1.01
C SER A 165 22.47 3.98 -1.26
N TRP A 166 23.70 3.63 -1.61
CA TRP A 166 24.73 4.60 -1.97
C TRP A 166 25.26 4.30 -3.35
N ASN A 167 25.21 5.29 -4.24
CA ASN A 167 25.58 5.14 -5.65
C ASN A 167 24.84 3.96 -6.28
N SER A 168 23.53 3.90 -6.00
CA SER A 168 22.62 2.87 -6.51
C SER A 168 23.09 1.46 -6.15
N GLY A 169 23.75 1.33 -5.00
CA GLY A 169 24.24 0.05 -4.54
C GLY A 169 25.66 -0.27 -4.94
N ALA A 170 26.30 0.56 -5.76
CA ALA A 170 27.69 0.33 -6.15
C ALA A 170 28.66 0.66 -5.02
N LEU A 171 28.21 1.38 -4.00
CA LEU A 171 28.95 1.82 -2.83
C LEU A 171 28.44 1.04 -1.61
N THR A 172 29.18 0.12 -1.03
CA THR A 172 28.69 -0.63 0.12
C THR A 172 29.66 -0.61 1.30
N SER A 173 30.95 -0.70 1.06
CA SER A 173 31.91 -0.80 2.16
C SER A 173 31.95 0.51 2.95
N GLY A 174 31.94 0.38 4.27
CA GLY A 174 31.94 1.53 5.15
C GLY A 174 30.61 2.24 5.30
N VAL A 175 29.54 1.68 4.75
CA VAL A 175 28.21 2.28 4.88
C VAL A 175 27.58 1.82 6.18
N HIS A 176 26.97 2.77 6.88
CA HIS A 176 26.18 2.48 8.08
C HIS A 176 24.81 3.16 7.91
N THR A 177 23.77 2.37 7.71
CA THR A 177 22.41 2.88 7.71
C THR A 177 21.80 2.59 9.07
N PHE A 178 21.37 3.64 9.76
CA PHE A 178 20.95 3.50 11.16
C PHE A 178 19.45 3.26 11.25
N PRO A 179 19.03 2.37 12.15
CA PRO A 179 17.62 2.27 12.53
C PRO A 179 16.99 3.64 12.73
N ALA A 180 15.75 3.81 12.29
CA ALA A 180 15.10 5.10 12.44
C ALA A 180 14.68 5.32 13.89
N VAL A 181 14.46 6.59 14.23
CA VAL A 181 13.89 6.97 15.51
C VAL A 181 12.52 7.60 15.27
N LEU A 182 11.58 7.30 16.15
CA LEU A 182 10.25 7.89 16.08
C LEU A 182 10.25 9.19 16.89
N GLN A 183 9.96 10.30 16.23
CA GLN A 183 9.95 11.60 16.87
C GLN A 183 8.61 11.85 17.55
N SER A 184 8.60 12.84 18.45
CA SER A 184 7.42 13.34 19.14
C SER A 184 6.28 13.64 18.18
N SER A 185 6.64 14.06 16.97
CA SER A 185 5.74 14.43 15.88
C SER A 185 4.94 13.25 15.35
N GLY A 186 5.36 12.03 15.68
CA GLY A 186 4.84 10.86 15.01
C GLY A 186 5.51 10.53 13.69
N LEU A 187 6.53 11.29 13.30
CA LEU A 187 7.27 11.05 12.08
C LEU A 187 8.60 10.38 12.39
N TYR A 188 9.14 9.68 11.41
CA TYR A 188 10.42 8.96 11.55
C TYR A 188 11.58 9.79 11.00
N SER A 189 12.76 9.57 11.56
CA SER A 189 14.02 10.20 11.10
C SER A 189 15.13 9.16 11.12
N LEU A 190 15.87 9.02 10.01
CA LEU A 190 17.01 8.09 9.99
C LEU A 190 18.21 8.70 9.29
N SER A 191 19.37 8.14 9.53
CA SER A 191 20.57 8.65 8.87
C SER A 191 21.31 7.49 8.24
N SER A 192 22.08 7.79 7.19
CA SER A 192 22.95 6.82 6.49
C SER A 192 24.29 7.48 6.25
N VAL A 193 25.33 6.78 6.65
CA VAL A 193 26.64 7.44 6.53
C VAL A 193 27.59 6.50 5.79
N VAL A 194 28.67 7.09 5.32
CA VAL A 194 29.72 6.30 4.67
C VAL A 194 31.04 7.03 4.84
N THR A 195 32.08 6.25 5.14
CA THR A 195 33.45 6.74 5.23
C THR A 195 34.18 6.36 3.95
N VAL A 196 34.85 7.34 3.34
CA VAL A 196 35.53 7.15 2.06
C VAL A 196 36.92 7.77 2.16
N PRO A 197 37.83 7.50 1.23
CA PRO A 197 39.10 8.23 1.21
C PRO A 197 38.86 9.72 0.99
N SER A 198 39.57 10.54 1.76
CA SER A 198 39.31 11.97 1.60
C SER A 198 39.85 12.50 0.28
N SER A 199 40.80 11.82 -0.36
CA SER A 199 41.25 12.24 -1.69
C SER A 199 40.18 12.04 -2.75
N SER A 200 39.21 11.16 -2.50
CA SER A 200 38.14 10.92 -3.45
C SER A 200 37.19 12.10 -3.58
N LEU A 201 37.13 12.96 -2.57
CA LEU A 201 36.26 14.12 -2.62
C LEU A 201 36.73 15.09 -3.70
N GLY A 202 35.81 15.46 -4.60
CA GLY A 202 36.09 16.37 -5.69
C GLY A 202 35.99 15.73 -7.06
N THR A 203 36.29 14.43 -7.16
CA THR A 203 36.16 13.70 -8.41
C THR A 203 35.11 12.60 -8.33
N GLN A 204 35.10 11.82 -7.26
CA GLN A 204 34.13 10.75 -7.11
C GLN A 204 32.80 11.31 -6.60
N THR A 205 31.73 10.99 -7.32
CA THR A 205 30.39 11.44 -6.93
C THR A 205 29.79 10.50 -5.90
N TYR A 206 29.15 11.08 -4.89
CA TYR A 206 28.49 10.32 -3.83
C TYR A 206 27.03 10.76 -3.76
N ILE A 207 26.12 9.86 -4.16
CA ILE A 207 24.69 10.10 -4.14
C ILE A 207 24.04 9.05 -3.24
N CYS A 208 23.12 9.50 -2.40
CA CYS A 208 22.27 8.71 -1.53
C CYS A 208 20.93 8.46 -2.22
N ASN A 209 20.48 7.22 -2.37
CA ASN A 209 19.20 6.90 -2.99
C ASN A 209 18.25 6.43 -1.90
N VAL A 210 17.17 7.18 -1.69
CA VAL A 210 16.20 6.93 -0.64
C VAL A 210 14.87 6.58 -1.29
N ASN A 211 14.36 5.38 -1.03
CA ASN A 211 13.09 4.91 -1.54
C ASN A 211 12.12 4.75 -0.38
N HIS A 212 10.99 5.44 -0.45
CA HIS A 212 9.88 5.31 0.50
C HIS A 212 8.64 4.94 -0.31
N LYS A 213 8.32 3.65 -0.34
CA LYS A 213 7.19 3.17 -1.13
C LYS A 213 5.84 3.70 -0.67
N PRO A 214 5.50 3.76 0.63
CA PRO A 214 4.17 4.23 1.02
C PRO A 214 3.80 5.59 0.45
N SER A 215 4.77 6.48 0.26
CA SER A 215 4.53 7.78 -0.35
C SER A 215 4.89 7.81 -1.82
N ASN A 216 5.33 6.69 -2.39
CA ASN A 216 5.74 6.61 -3.80
C ASN A 216 6.88 7.58 -4.09
N THR A 217 7.79 7.73 -3.13
CA THR A 217 8.87 8.70 -3.20
C THR A 217 10.20 8.01 -3.45
N LYS A 218 10.99 8.58 -4.36
CA LYS A 218 12.38 8.15 -4.50
C LYS A 218 13.22 9.39 -4.79
N VAL A 219 14.25 9.56 -3.97
CA VAL A 219 15.10 10.74 -3.94
C VAL A 219 16.53 10.31 -4.21
N ASP A 220 17.23 10.99 -5.11
CA ASP A 220 18.65 10.77 -5.36
C ASP A 220 19.38 12.06 -4.98
N LYS A 221 19.94 12.10 -3.78
CA LYS A 221 20.57 13.31 -3.27
C LYS A 221 22.09 13.23 -3.43
N LYS A 222 22.65 14.16 -4.20
CA LYS A 222 24.09 14.26 -4.34
C LYS A 222 24.67 14.98 -3.11
N VAL A 223 25.65 14.35 -2.47
CA VAL A 223 26.30 14.95 -1.28
C VAL A 223 27.64 15.51 -1.70
N GLU A 224 27.81 16.81 -1.51
CA GLU A 224 29.03 17.49 -1.97
C GLU A 224 29.78 18.06 -0.78
N PRO A 225 31.11 18.11 -0.82
CA PRO A 225 31.89 18.64 0.26
C PRO A 225 31.68 20.15 0.45
N LYS A 226 31.72 20.54 1.73
CA LYS A 226 31.65 21.89 2.33
C LYS A 226 31.36 22.98 1.29
N GLU B 1 -1.28 -16.09 34.11
CA GLU B 1 -0.15 -15.90 33.21
C GLU B 1 1.15 -16.40 33.84
N ILE B 2 1.89 -17.21 33.09
CA ILE B 2 3.20 -17.69 33.53
C ILE B 2 4.25 -16.74 32.97
N VAL B 3 4.96 -16.05 33.85
CA VAL B 3 6.02 -15.14 33.44
C VAL B 3 7.31 -15.92 33.32
N LEU B 4 8.09 -15.60 32.28
CA LEU B 4 9.40 -16.20 32.06
C LEU B 4 10.45 -15.10 32.14
N THR B 5 11.39 -15.24 33.06
CA THR B 5 12.46 -14.28 33.25
C THR B 5 13.76 -14.91 32.77
N GLN B 6 14.38 -14.30 31.76
CA GLN B 6 15.61 -14.81 31.18
C GLN B 6 16.82 -14.09 31.77
N SER B 7 17.94 -14.82 31.86
CA SER B 7 19.13 -14.32 32.50
C SER B 7 20.36 -14.85 31.80
N PRO B 8 21.39 -14.03 31.58
CA PRO B 8 21.35 -12.58 31.84
C PRO B 8 20.70 -11.83 30.69
N VAL B 9 20.56 -10.52 30.83
CA VAL B 9 19.99 -9.74 29.72
C VAL B 9 20.94 -9.75 28.54
N SER B 10 22.20 -9.37 28.75
CA SER B 10 23.23 -9.31 27.73
C SER B 10 24.36 -10.26 28.10
N LEU B 11 25.05 -10.81 27.10
CA LEU B 11 26.15 -11.74 27.35
C LEU B 11 27.18 -11.55 26.25
N SER B 12 28.34 -11.00 26.62
CA SER B 12 29.43 -10.79 25.67
C SER B 12 30.41 -11.95 25.80
N LEU B 13 30.54 -12.73 24.73
CA LEU B 13 31.43 -13.88 24.70
C LEU B 13 32.11 -13.96 23.35
N SER B 14 33.11 -14.84 23.26
CA SER B 14 33.85 -14.98 22.02
C SER B 14 33.71 -16.39 21.46
N PRO B 15 33.82 -16.53 20.15
CA PRO B 15 33.68 -17.86 19.53
C PRO B 15 34.70 -18.85 20.10
N GLY B 16 34.20 -20.01 20.50
CA GLY B 16 35.00 -21.02 21.17
C GLY B 16 34.72 -21.14 22.64
N GLU B 17 33.91 -20.25 23.21
CA GLU B 17 33.61 -20.24 24.63
C GLU B 17 32.29 -20.95 24.91
N ARG B 18 31.96 -21.04 26.18
CA ARG B 18 30.74 -21.71 26.65
C ARG B 18 29.73 -20.66 27.08
N ALA B 19 28.48 -20.82 26.65
CA ALA B 19 27.40 -19.92 27.00
C ALA B 19 26.30 -20.68 27.71
N THR B 20 25.77 -20.11 28.79
CA THR B 20 24.61 -20.73 29.42
C THR B 20 23.62 -19.65 29.81
N LEU B 21 22.42 -19.87 29.30
CA LEU B 21 21.29 -18.97 29.46
C LEU B 21 20.24 -19.61 30.35
N SER B 22 19.69 -18.81 31.27
CA SER B 22 18.69 -19.29 32.22
C SER B 22 17.32 -18.72 31.89
N CYS B 23 16.31 -19.53 32.16
CA CYS B 23 14.89 -19.30 31.91
C CYS B 23 14.17 -19.65 33.21
N ARG B 24 13.66 -18.72 34.01
CA ARG B 24 12.96 -19.04 35.23
C ARG B 24 11.47 -18.74 35.06
N ALA B 25 10.63 -19.71 35.41
CA ALA B 25 9.19 -19.57 35.32
C ALA B 25 8.61 -19.19 36.68
N SER B 26 7.61 -18.31 36.67
CA SER B 26 6.98 -17.87 37.91
C SER B 26 6.28 -19.01 38.63
N GLN B 27 5.98 -20.12 37.94
CA GLN B 27 5.40 -21.29 38.56
C GLN B 27 6.09 -22.53 38.02
N SER B 28 5.85 -23.66 38.68
CA SER B 28 6.55 -24.87 38.26
C SER B 28 5.84 -25.50 37.08
N ILE B 29 6.64 -25.88 36.09
CA ILE B 29 6.19 -26.45 34.83
C ILE B 29 7.03 -27.68 34.53
N SER B 30 6.43 -28.66 33.84
CA SER B 30 7.17 -29.83 33.42
C SER B 30 8.08 -29.50 32.25
N SER B 31 9.17 -30.26 32.12
CA SER B 31 10.18 -29.96 31.11
C SER B 31 9.65 -30.16 29.70
N THR B 32 8.66 -31.05 29.52
CA THR B 32 8.15 -31.35 28.19
C THR B 32 7.44 -30.15 27.54
N TYR B 33 7.19 -29.07 28.28
CA TYR B 33 6.44 -27.94 27.76
C TYR B 33 7.29 -26.68 27.63
N LEU B 34 8.60 -26.83 27.46
CA LEU B 34 9.50 -25.70 27.31
C LEU B 34 10.21 -25.75 25.97
N ALA B 35 10.41 -24.58 25.38
CA ALA B 35 11.09 -24.46 24.09
C ALA B 35 12.05 -23.26 24.12
N TRP B 36 13.05 -23.34 23.25
CA TRP B 36 14.04 -22.28 23.04
C TRP B 36 14.08 -21.95 21.55
N TYR B 37 14.00 -20.66 21.25
CA TYR B 37 14.07 -20.14 19.89
C TYR B 37 15.23 -19.17 19.77
N GLN B 38 15.81 -19.13 18.57
CA GLN B 38 16.89 -18.21 18.23
C GLN B 38 16.38 -17.19 17.22
N GLN B 39 16.85 -15.96 17.33
CA GLN B 39 16.45 -14.90 16.42
C GLN B 39 17.64 -13.99 16.13
N ILE B 40 18.01 -13.91 14.86
CA ILE B 40 18.98 -12.94 14.36
C ILE B 40 18.21 -11.65 14.06
N PRO B 41 18.75 -10.48 14.37
CA PRO B 41 18.02 -9.23 14.09
C PRO B 41 17.64 -9.11 12.63
N GLY B 42 16.35 -8.84 12.38
CA GLY B 42 15.82 -8.69 11.04
C GLY B 42 15.19 -9.93 10.46
N GLN B 43 15.30 -11.07 11.14
CA GLN B 43 14.76 -12.34 10.67
C GLN B 43 13.78 -12.91 11.69
N ALA B 44 13.01 -13.89 11.24
CA ALA B 44 12.00 -14.51 12.09
C ALA B 44 12.65 -15.42 13.13
N PRO B 45 11.94 -15.72 14.22
CA PRO B 45 12.47 -16.68 15.20
C PRO B 45 12.64 -18.06 14.59
N ARG B 46 13.66 -18.76 15.04
CA ARG B 46 13.98 -20.12 14.56
C ARG B 46 13.99 -21.07 15.75
N LEU B 47 13.26 -22.18 15.62
CA LEU B 47 13.20 -23.16 16.70
C LEU B 47 14.55 -23.79 16.94
N LEU B 48 14.98 -23.79 18.19
CA LEU B 48 16.21 -24.44 18.62
C LEU B 48 15.93 -25.76 19.34
N ILE B 49 15.22 -25.67 20.46
CA ILE B 49 14.97 -26.83 21.34
C ILE B 49 13.53 -26.82 21.83
N TYR B 50 12.91 -27.99 21.91
CA TYR B 50 11.56 -28.16 22.48
C TYR B 50 11.62 -29.27 23.51
N GLY B 51 10.67 -29.26 24.44
CA GLY B 51 10.55 -30.22 25.55
C GLY B 51 11.77 -30.20 26.44
N ALA B 52 12.34 -29.00 26.65
CA ALA B 52 13.53 -28.70 27.47
C ALA B 52 14.87 -29.16 26.86
N SER B 53 14.95 -30.40 26.41
CA SER B 53 16.19 -31.02 25.91
C SER B 53 16.12 -31.53 24.46
N SER B 54 14.99 -31.51 23.77
CA SER B 54 14.99 -32.09 22.40
C SER B 54 15.44 -31.07 21.36
N ARG B 55 16.40 -31.44 20.55
CA ARG B 55 16.92 -30.52 19.53
C ARG B 55 16.09 -30.63 18.25
N ALA B 56 15.73 -29.49 17.68
CA ALA B 56 15.09 -29.49 16.38
C ALA B 56 16.09 -29.91 15.31
N ALA B 57 15.57 -30.44 14.20
CA ALA B 57 16.43 -30.92 13.13
C ALA B 57 17.30 -29.79 12.59
N GLY B 58 18.56 -30.10 12.30
CA GLY B 58 19.52 -29.12 11.85
C GLY B 58 20.34 -28.49 12.95
N ILE B 59 19.87 -28.53 14.19
CA ILE B 59 20.58 -27.89 15.30
C ILE B 59 21.72 -28.79 15.76
N PRO B 60 22.95 -28.28 15.84
CA PRO B 60 24.09 -29.14 16.20
C PRO B 60 24.05 -29.54 17.66
N ASP B 61 24.93 -30.48 18.01
CA ASP B 61 24.98 -31.01 19.37
C ASP B 61 25.58 -30.02 20.36
N ARG B 62 26.27 -28.99 19.88
CA ARG B 62 26.80 -27.97 20.79
C ARG B 62 25.68 -27.27 21.56
N PHE B 63 24.45 -27.35 21.06
CA PHE B 63 23.29 -26.85 21.77
C PHE B 63 22.71 -27.95 22.65
N SER B 64 22.50 -27.62 23.93
CA SER B 64 22.00 -28.53 24.96
C SER B 64 20.91 -27.82 25.74
N GLY B 65 19.95 -28.56 26.26
CA GLY B 65 18.90 -27.97 27.07
C GLY B 65 18.55 -28.86 28.24
N GLY B 66 18.16 -28.21 29.33
CA GLY B 66 17.78 -28.98 30.51
C GLY B 66 17.04 -28.12 31.51
N GLY B 67 16.78 -28.70 32.67
CA GLY B 67 16.11 -28.02 33.76
C GLY B 67 14.79 -28.68 34.12
N SER B 68 14.23 -28.25 35.24
CA SER B 68 12.93 -28.82 35.63
C SER B 68 12.28 -27.90 36.66
N GLY B 69 11.03 -28.19 36.97
CA GLY B 69 10.36 -27.32 37.92
C GLY B 69 10.27 -25.90 37.40
N THR B 70 10.93 -25.00 38.10
CA THR B 70 10.93 -23.55 37.88
C THR B 70 12.15 -23.05 37.10
N ASP B 71 13.18 -23.88 36.90
CA ASP B 71 14.44 -23.34 36.32
C ASP B 71 14.94 -24.16 35.15
N PHE B 72 15.21 -23.49 34.02
CA PHE B 72 15.64 -24.21 32.84
C PHE B 72 16.84 -23.50 32.23
N THR B 73 17.65 -24.25 31.49
CA THR B 73 18.91 -23.74 30.98
C THR B 73 19.14 -24.21 29.54
N LEU B 74 19.72 -23.31 28.74
CA LEU B 74 20.24 -23.63 27.41
C LEU B 74 21.75 -23.41 27.44
N THR B 75 22.50 -24.39 26.93
CA THR B 75 23.95 -24.35 26.96
C THR B 75 24.51 -24.52 25.55
N ILE B 76 25.30 -23.55 25.12
CA ILE B 76 26.09 -23.65 23.90
C ILE B 76 27.51 -24.00 24.34
N SER B 77 27.92 -25.24 24.05
CA SER B 77 29.19 -25.75 24.58
C SER B 77 30.37 -24.95 24.06
N ARG B 78 30.59 -24.97 22.75
CA ARG B 78 31.64 -24.19 22.11
C ARG B 78 31.00 -23.23 21.12
N LEU B 79 31.14 -21.93 21.37
CA LEU B 79 30.42 -20.94 20.59
C LEU B 79 31.00 -20.80 19.18
N GLU B 80 30.10 -20.73 18.22
CA GLU B 80 30.44 -20.44 16.83
C GLU B 80 29.91 -19.06 16.44
N PRO B 81 30.50 -18.42 15.42
CA PRO B 81 30.03 -17.08 15.03
C PRO B 81 28.55 -17.03 14.68
N GLU B 82 27.97 -18.13 14.19
CA GLU B 82 26.56 -18.24 13.84
C GLU B 82 25.66 -18.09 15.06
N ASP B 83 26.18 -18.40 16.24
CA ASP B 83 25.37 -18.53 17.44
C ASP B 83 25.06 -17.19 18.10
N PHE B 84 25.70 -16.11 17.69
CA PHE B 84 25.53 -14.82 18.35
C PHE B 84 24.26 -14.16 17.84
N ALA B 85 23.20 -14.24 18.64
CA ALA B 85 21.89 -13.69 18.31
C ALA B 85 21.10 -13.55 19.60
N VAL B 86 19.80 -13.31 19.47
CA VAL B 86 18.91 -13.21 20.63
C VAL B 86 18.28 -14.58 20.85
N TYR B 87 18.06 -14.93 22.12
CA TYR B 87 17.52 -16.23 22.48
C TYR B 87 16.31 -16.06 23.39
N TYR B 88 15.18 -16.64 22.97
CA TYR B 88 13.93 -16.56 23.71
C TYR B 88 13.55 -17.94 24.22
N CYS B 89 12.97 -18.00 25.41
CA CYS B 89 12.36 -19.16 26.06
C CYS B 89 10.85 -19.07 25.92
N GLN B 90 10.16 -20.22 25.91
CA GLN B 90 8.72 -20.24 25.79
C GLN B 90 8.18 -21.44 26.55
N GLN B 91 7.03 -21.27 27.19
CA GLN B 91 6.31 -22.37 27.81
C GLN B 91 4.98 -22.56 27.08
N TYR B 92 4.55 -23.80 26.95
CA TYR B 92 3.28 -24.14 26.31
C TYR B 92 2.52 -25.18 27.12
N GLY B 93 2.64 -25.13 28.44
CA GLY B 93 1.94 -26.05 29.30
C GLY B 93 0.63 -25.50 29.81
N SER B 94 0.49 -24.18 29.79
CA SER B 94 -0.60 -23.38 30.35
C SER B 94 -1.02 -22.33 29.33
N SER B 95 -2.31 -22.06 29.14
CA SER B 95 -2.69 -20.95 28.28
C SER B 95 -2.64 -19.64 29.05
N PRO B 96 -2.13 -18.57 28.41
CA PRO B 96 -1.62 -18.59 27.04
C PRO B 96 -0.14 -18.93 26.98
N ARG B 97 0.37 -19.21 25.79
CA ARG B 97 1.81 -19.45 25.63
C ARG B 97 2.56 -18.14 25.84
N SER B 98 3.53 -18.15 26.74
CA SER B 98 4.28 -16.95 27.09
C SER B 98 5.74 -17.12 26.69
N PHE B 99 6.39 -15.99 26.43
CA PHE B 99 7.80 -15.97 26.05
C PHE B 99 8.59 -15.17 27.07
N GLY B 100 9.86 -15.50 27.21
CA GLY B 100 10.78 -14.68 27.97
C GLY B 100 11.16 -13.42 27.22
N GLN B 101 11.73 -12.46 27.94
CA GLN B 101 12.09 -11.19 27.33
C GLN B 101 13.35 -11.28 26.48
N GLY B 102 14.08 -12.39 26.54
CA GLY B 102 15.19 -12.61 25.65
C GLY B 102 16.55 -12.39 26.33
N THR B 103 17.57 -12.97 25.73
CA THR B 103 18.96 -12.76 26.11
C THR B 103 19.77 -12.52 24.84
N LYS B 104 20.54 -11.44 24.82
CA LYS B 104 21.33 -11.07 23.66
C LYS B 104 22.75 -11.60 23.81
N LEU B 105 23.18 -12.39 22.82
CA LEU B 105 24.51 -12.99 22.81
C LEU B 105 25.38 -12.22 21.82
N GLU B 106 26.31 -11.43 22.34
CA GLU B 106 27.12 -10.52 21.54
C GLU B 106 28.57 -10.99 21.50
N ILE B 107 29.23 -10.76 20.36
CA ILE B 107 30.63 -11.09 20.21
C ILE B 107 31.48 -10.18 21.09
N LYS B 108 32.36 -10.78 21.87
CA LYS B 108 33.28 -10.05 22.73
C LYS B 108 34.61 -9.84 22.00
N ARG B 109 34.96 -8.59 21.74
CA ARG B 109 36.15 -8.26 20.98
C ARG B 109 36.98 -7.21 21.72
N THR B 110 38.07 -6.79 21.08
CA THR B 110 38.96 -5.78 21.64
C THR B 110 38.24 -4.44 21.75
N VAL B 111 38.51 -3.71 22.83
CA VAL B 111 38.02 -2.34 22.95
C VAL B 111 38.47 -1.52 21.75
N ALA B 112 37.55 -0.78 21.16
CA ALA B 112 37.83 0.07 20.01
C ALA B 112 37.23 1.44 20.25
N ALA B 113 38.06 2.49 20.11
CA ALA B 113 37.56 3.84 20.27
C ALA B 113 36.76 4.27 19.05
N PRO B 114 35.72 5.06 19.24
CA PRO B 114 34.92 5.53 18.10
C PRO B 114 35.63 6.64 17.34
N SER B 115 35.36 6.69 16.04
CA SER B 115 35.72 7.85 15.25
C SER B 115 34.55 8.83 15.28
N VAL B 116 34.80 10.05 15.76
CA VAL B 116 33.74 11.00 16.03
C VAL B 116 33.73 12.06 14.93
N PHE B 117 32.58 12.21 14.28
CA PHE B 117 32.38 13.22 13.25
C PHE B 117 31.14 14.04 13.60
N ILE B 118 31.08 15.27 13.08
CA ILE B 118 29.94 16.14 13.32
C ILE B 118 29.53 16.79 12.00
N PHE B 119 28.23 17.01 11.84
CA PHE B 119 27.64 17.52 10.61
C PHE B 119 26.69 18.66 10.96
N PRO B 120 26.94 19.87 10.48
CA PRO B 120 26.00 20.97 10.68
C PRO B 120 24.73 20.77 9.86
N PRO B 121 23.70 21.59 10.08
CA PRO B 121 22.50 21.47 9.24
C PRO B 121 22.75 22.00 7.84
N SER B 122 22.13 21.35 6.87
CA SER B 122 22.23 21.80 5.48
C SER B 122 21.37 23.03 5.25
N ASP B 123 21.68 23.75 4.16
CA ASP B 123 20.87 24.91 3.80
C ASP B 123 19.46 24.50 3.40
N GLU B 124 19.31 23.33 2.79
CA GLU B 124 17.98 22.84 2.42
C GLU B 124 17.08 22.71 3.64
N GLN B 125 17.63 22.23 4.75
CA GLN B 125 16.83 22.12 5.97
C GLN B 125 16.59 23.49 6.59
N LEU B 126 17.58 24.38 6.52
CA LEU B 126 17.40 25.73 7.06
C LEU B 126 16.25 26.45 6.36
N LYS B 127 16.10 26.24 5.05
CA LYS B 127 14.95 26.91 4.47
C LYS B 127 13.64 26.27 4.92
N SER B 128 13.65 25.07 5.49
CA SER B 128 12.46 24.46 6.07
C SER B 128 12.11 25.03 7.45
N GLY B 129 12.95 25.88 8.02
CA GLY B 129 12.68 26.42 9.34
C GLY B 129 13.14 25.56 10.50
N THR B 130 13.92 24.51 10.23
CA THR B 130 14.43 23.60 11.23
C THR B 130 15.91 23.36 10.98
N ALA B 131 16.66 23.05 12.04
CA ALA B 131 18.09 22.77 11.92
C ALA B 131 18.41 21.52 12.71
N SER B 132 18.94 20.51 12.03
CA SER B 132 19.40 19.33 12.74
C SER B 132 20.91 19.19 12.58
N VAL B 133 21.55 18.95 13.72
CA VAL B 133 22.98 18.69 13.80
C VAL B 133 23.18 17.21 14.07
N VAL B 134 24.12 16.59 13.37
CA VAL B 134 24.31 15.15 13.45
C VAL B 134 25.69 14.87 14.03
N CYS B 135 25.77 13.88 14.92
CA CYS B 135 27.07 13.43 15.39
C CYS B 135 27.15 11.92 15.23
N LEU B 136 28.23 11.52 14.57
CA LEU B 136 28.48 10.13 14.21
C LEU B 136 29.61 9.56 15.05
N LEU B 137 29.38 8.38 15.63
CA LEU B 137 30.40 7.61 16.32
C LEU B 137 30.58 6.32 15.52
N ASN B 138 31.72 6.20 14.88
CA ASN B 138 31.93 5.10 13.92
C ASN B 138 32.86 4.02 14.45
N ASN B 139 32.44 2.77 14.27
CA ASN B 139 33.23 1.54 14.56
C ASN B 139 33.86 1.48 15.95
N PHE B 140 33.04 1.44 17.00
CA PHE B 140 33.55 1.35 18.39
C PHE B 140 33.03 0.10 19.10
N TYR B 141 33.73 -0.30 20.16
CA TYR B 141 33.35 -1.42 21.01
C TYR B 141 33.90 -1.12 22.40
N PRO B 142 33.12 -1.37 23.46
CA PRO B 142 31.78 -1.97 23.45
C PRO B 142 30.64 -1.00 23.10
N ARG B 143 29.42 -1.52 23.16
CA ARG B 143 28.25 -0.75 22.74
C ARG B 143 28.03 0.47 23.63
N GLU B 144 28.38 0.38 24.90
CA GLU B 144 28.12 1.48 25.83
C GLU B 144 28.95 2.71 25.46
N ALA B 145 28.26 3.82 25.21
CA ALA B 145 28.90 5.08 24.89
C ALA B 145 27.95 6.21 25.29
N LYS B 146 28.50 7.36 25.64
CA LYS B 146 27.72 8.50 26.09
C LYS B 146 27.92 9.67 25.13
N VAL B 147 26.81 10.20 24.62
CA VAL B 147 26.82 11.37 23.76
C VAL B 147 26.16 12.51 24.50
N GLN B 148 26.77 13.70 24.43
CA GLN B 148 26.20 14.89 25.05
C GLN B 148 26.27 16.05 24.06
N TRP B 149 25.15 16.72 23.86
CA TRP B 149 25.09 17.89 22.99
C TRP B 149 25.26 19.16 23.82
N LYS B 150 26.10 20.08 23.33
CA LYS B 150 26.35 21.33 24.01
C LYS B 150 26.21 22.49 23.02
N VAL B 151 25.34 23.44 23.33
CA VAL B 151 25.12 24.61 22.51
C VAL B 151 25.57 25.82 23.31
N ASP B 152 26.67 26.44 22.90
CA ASP B 152 27.30 27.53 23.65
C ASP B 152 27.52 27.12 25.11
N ASN B 153 28.03 25.91 25.29
CA ASN B 153 28.36 25.30 26.58
C ASN B 153 27.14 24.99 27.44
N ALA B 154 25.93 25.11 26.89
CA ALA B 154 24.71 24.75 27.61
C ALA B 154 24.34 23.31 27.24
N LEU B 155 24.40 22.42 28.23
CA LEU B 155 24.09 21.01 27.97
C LEU B 155 22.63 20.84 27.58
N GLN B 156 22.40 20.16 26.46
CA GLN B 156 21.07 20.03 25.89
C GLN B 156 20.36 18.81 26.45
N SER B 157 19.04 18.90 26.54
CA SER B 157 18.20 17.83 27.11
C SER B 157 16.84 17.86 26.45
N GLY B 158 16.32 16.69 26.08
CA GLY B 158 14.98 16.56 25.49
C GLY B 158 14.87 17.04 24.06
N ASN B 159 16.00 17.31 23.40
CA ASN B 159 15.96 17.80 22.01
C ASN B 159 16.84 16.94 21.11
N SER B 160 17.18 15.75 21.56
CA SER B 160 18.08 14.91 20.75
C SER B 160 17.63 13.45 20.74
N GLN B 161 17.93 12.74 19.67
CA GLN B 161 17.63 11.30 19.61
C GLN B 161 18.85 10.59 19.02
N GLU B 162 19.11 9.37 19.45
CA GLU B 162 20.25 8.59 18.95
C GLU B 162 19.78 7.21 18.52
N SER B 163 20.57 6.57 17.68
CA SER B 163 20.25 5.24 17.15
C SER B 163 21.56 4.42 17.08
N VAL B 164 21.50 3.15 17.38
CA VAL B 164 22.74 2.33 17.32
C VAL B 164 22.53 1.21 16.32
N THR B 165 23.52 0.91 15.52
CA THR B 165 23.35 -0.19 14.55
C THR B 165 23.58 -1.52 15.23
N GLU B 166 23.30 -2.60 14.50
CA GLU B 166 23.58 -3.94 14.99
C GLU B 166 25.09 -4.19 14.94
N GLN B 167 25.54 -5.21 15.70
CA GLN B 167 26.96 -5.51 15.75
C GLN B 167 27.47 -5.91 14.38
N ASP B 168 28.49 -5.21 13.89
CA ASP B 168 28.96 -5.39 12.53
C ASP B 168 29.45 -6.81 12.29
N SER B 169 29.24 -7.29 11.07
CA SER B 169 29.44 -8.70 10.74
C SER B 169 30.90 -9.08 10.59
N LYS B 170 31.80 -8.13 10.33
CA LYS B 170 33.20 -8.45 10.09
C LYS B 170 34.15 -7.95 11.16
N ASP B 171 33.87 -6.81 11.81
CA ASP B 171 34.75 -6.32 12.86
C ASP B 171 34.08 -6.24 14.23
N SER B 172 32.82 -6.66 14.35
CA SER B 172 32.02 -6.78 15.56
C SER B 172 31.96 -5.49 16.37
N THR B 173 32.03 -4.36 15.68
CA THR B 173 31.91 -3.06 16.31
C THR B 173 30.50 -2.50 16.16
N TYR B 174 30.24 -1.42 16.88
CA TYR B 174 28.98 -0.71 16.82
C TYR B 174 29.21 0.70 16.30
N SER B 175 28.15 1.28 15.72
CA SER B 175 28.19 2.69 15.40
C SER B 175 26.89 3.33 15.83
N LEU B 176 27.01 4.60 16.19
CA LEU B 176 25.90 5.35 16.77
C LEU B 176 25.72 6.66 16.02
N SER B 177 24.46 7.04 15.80
CA SER B 177 24.16 8.33 15.20
C SER B 177 23.22 9.09 16.13
N SER B 178 23.57 10.34 16.41
CA SER B 178 22.77 11.20 17.30
C SER B 178 22.31 12.45 16.54
N THR B 179 21.04 12.81 16.70
CA THR B 179 20.52 14.01 15.98
C THR B 179 20.00 15.04 16.98
N LEU B 180 20.50 16.26 16.84
CA LEU B 180 20.01 17.37 17.69
C LEU B 180 19.16 18.29 16.82
N THR B 181 17.91 18.46 17.21
CA THR B 181 17.01 19.28 16.38
C THR B 181 16.60 20.54 17.12
N LEU B 182 16.74 21.65 16.44
CA LEU B 182 16.32 22.95 16.94
C LEU B 182 15.48 23.65 15.88
N SER B 183 14.71 24.64 16.31
CA SER B 183 14.12 25.55 15.34
C SER B 183 15.23 26.40 14.73
N LYS B 184 14.94 26.97 13.56
CA LYS B 184 16.03 27.73 12.97
C LYS B 184 16.25 29.05 13.69
N ALA B 185 15.24 29.61 14.36
CA ALA B 185 15.47 30.77 15.21
C ALA B 185 16.40 30.44 16.37
N ASP B 186 16.08 29.36 17.11
CA ASP B 186 16.95 28.94 18.20
C ASP B 186 18.34 28.60 17.70
N TYR B 187 18.43 27.96 16.53
CA TYR B 187 19.74 27.63 15.98
C TYR B 187 20.56 28.87 15.67
N GLU B 188 19.93 29.87 15.04
CA GLU B 188 20.65 31.10 14.71
C GLU B 188 20.89 31.98 15.93
N LYS B 189 20.25 31.70 17.06
CA LYS B 189 20.52 32.47 18.26
C LYS B 189 21.87 32.14 18.90
N HIS B 190 22.53 31.06 18.49
CA HIS B 190 23.73 30.58 19.14
C HIS B 190 24.86 30.41 18.13
N LYS B 191 26.06 30.14 18.65
CA LYS B 191 27.22 30.07 17.77
C LYS B 191 27.96 28.74 17.84
N VAL B 192 28.26 28.20 19.03
CA VAL B 192 29.11 27.02 19.19
C VAL B 192 28.22 25.80 19.35
N TYR B 193 28.37 24.81 18.49
CA TYR B 193 27.63 23.56 18.57
C TYR B 193 28.62 22.40 18.68
N ALA B 194 28.48 21.60 19.74
CA ALA B 194 29.49 20.62 20.09
C ALA B 194 28.85 19.30 20.47
N CYS B 195 29.55 18.22 20.12
CA CYS B 195 29.19 16.85 20.48
C CYS B 195 30.34 16.28 21.32
N GLU B 196 30.04 15.88 22.55
CA GLU B 196 31.05 15.32 23.45
C GLU B 196 30.76 13.85 23.66
N VAL B 197 31.79 13.03 23.41
CA VAL B 197 31.69 11.58 23.39
C VAL B 197 32.51 11.03 24.54
N THR B 198 31.90 10.12 25.31
CA THR B 198 32.55 9.38 26.38
C THR B 198 32.49 7.90 26.03
N HIS B 199 33.63 7.22 26.12
CA HIS B 199 33.67 5.81 25.76
C HIS B 199 34.86 5.16 26.45
N GLN B 200 34.74 3.84 26.66
CA GLN B 200 35.79 3.07 27.33
C GLN B 200 37.12 3.17 26.59
N GLY B 201 37.09 3.28 25.26
CA GLY B 201 38.29 3.34 24.45
C GLY B 201 38.99 4.67 24.40
N LEU B 202 38.41 5.72 25.00
CA LEU B 202 39.00 7.06 24.98
C LEU B 202 39.53 7.40 26.36
N SER B 203 40.77 7.91 26.40
CA SER B 203 41.35 8.26 27.69
C SER B 203 40.71 9.51 28.29
N SER B 204 39.97 10.28 27.50
CA SER B 204 39.28 11.48 27.96
C SER B 204 38.20 11.81 26.94
N PRO B 205 37.12 12.49 27.36
CA PRO B 205 36.03 12.77 26.42
C PRO B 205 36.51 13.52 25.19
N VAL B 206 35.99 13.12 24.02
CA VAL B 206 36.38 13.73 22.76
C VAL B 206 35.25 14.65 22.29
N THR B 207 35.59 15.88 21.96
CA THR B 207 34.61 16.89 21.55
C THR B 207 34.84 17.27 20.09
N LYS B 208 33.79 17.16 19.29
CA LYS B 208 33.78 17.67 17.92
C LYS B 208 32.77 18.80 17.83
N SER B 209 33.21 19.97 17.39
CA SER B 209 32.36 21.15 17.43
C SER B 209 32.55 21.99 16.18
N PHE B 210 31.66 22.96 16.02
CA PHE B 210 31.76 23.95 14.95
C PHE B 210 31.07 25.23 15.39
N ASN B 211 31.23 26.27 14.58
CA ASN B 211 30.66 27.59 14.81
C ASN B 211 29.72 27.95 13.67
N ARG B 212 28.62 28.59 14.00
CA ARG B 212 27.70 29.03 12.93
C ARG B 212 28.46 30.04 12.09
N GLY B 213 28.45 29.91 10.77
CA GLY B 213 29.24 30.83 9.93
C GLY B 213 30.66 30.35 9.69
N GLU B 214 30.97 29.10 10.00
CA GLU B 214 32.29 28.48 9.76
C GLU B 214 32.81 28.85 8.36
N GLN C 1 -15.87 -23.06 -10.61
CA GLN C 1 -14.85 -23.86 -9.93
C GLN C 1 -13.51 -23.14 -9.94
N VAL C 2 -13.00 -22.73 -11.10
CA VAL C 2 -11.74 -22.02 -11.20
C VAL C 2 -11.92 -20.61 -10.65
N GLN C 3 -11.14 -20.24 -9.64
CA GLN C 3 -11.18 -18.91 -9.07
C GLN C 3 -9.77 -18.33 -9.04
N PHE C 4 -9.70 -17.00 -9.01
CA PHE C 4 -8.44 -16.28 -9.04
C PHE C 4 -8.24 -15.47 -7.77
N GLN C 5 -6.98 -15.33 -7.38
CA GLN C 5 -6.58 -14.38 -6.35
C GLN C 5 -5.37 -13.60 -6.85
N GLN C 6 -5.42 -12.28 -6.76
CA GLN C 6 -4.39 -11.43 -7.35
C GLN C 6 -3.71 -10.59 -6.27
N TRP C 7 -2.39 -10.41 -6.42
CA TRP C 7 -1.65 -9.54 -5.51
C TRP C 7 -0.44 -8.98 -6.22
N GLY C 8 0.12 -7.92 -5.64
CA GLY C 8 1.23 -7.18 -6.22
C GLY C 8 0.98 -5.71 -6.00
N ALA C 9 2.06 -4.94 -5.87
CA ALA C 9 1.96 -3.53 -5.56
C ALA C 9 1.16 -2.78 -6.62
N GLY C 10 0.42 -1.77 -6.18
CA GLY C 10 -0.46 -1.03 -7.06
C GLY C 10 -0.05 0.41 -7.31
N LEU C 11 0.91 0.90 -6.53
CA LEU C 11 1.42 2.27 -6.69
C LEU C 11 2.91 2.20 -7.01
N LEU C 12 3.29 2.71 -8.18
CA LEU C 12 4.68 2.63 -8.60
C LEU C 12 5.07 3.92 -9.31
N LYS C 13 6.38 4.13 -9.37
CA LYS C 13 7.01 5.18 -10.14
C LYS C 13 7.45 4.65 -11.50
N PRO C 14 7.64 5.53 -12.49
CA PRO C 14 8.12 5.05 -13.80
C PRO C 14 9.46 4.36 -13.75
N SER C 15 10.20 4.48 -12.66
CA SER C 15 11.53 3.88 -12.52
C SER C 15 11.49 2.50 -11.87
N GLU C 16 10.31 1.94 -11.67
CA GLU C 16 10.14 0.67 -10.96
C GLU C 16 9.60 -0.39 -11.91
N THR C 17 9.62 -1.64 -11.42
CA THR C 17 9.21 -2.79 -12.21
C THR C 17 7.94 -3.38 -11.61
N LEU C 18 6.86 -3.35 -12.39
CA LEU C 18 5.60 -3.92 -11.94
C LEU C 18 5.68 -5.44 -11.91
N SER C 19 5.19 -6.03 -10.82
CA SER C 19 5.08 -7.48 -10.76
C SER C 19 3.81 -7.84 -10.03
N LEU C 20 3.00 -8.66 -10.68
CA LEU C 20 1.71 -9.17 -10.15
C LEU C 20 1.68 -10.69 -10.27
N THR C 21 0.99 -11.34 -9.33
CA THR C 21 0.85 -12.81 -9.29
C THR C 21 -0.63 -13.17 -9.12
N CYS C 22 -1.07 -14.21 -9.79
CA CYS C 22 -2.42 -14.71 -9.56
C CYS C 22 -2.32 -16.15 -9.10
N GLY C 23 -3.05 -16.48 -8.04
CA GLY C 23 -3.17 -17.85 -7.56
C GLY C 23 -4.41 -18.44 -8.19
N VAL C 24 -4.33 -19.65 -8.69
CA VAL C 24 -5.46 -20.33 -9.31
C VAL C 24 -6.00 -21.36 -8.34
N TYR C 25 -7.33 -21.43 -8.21
CA TYR C 25 -7.98 -22.38 -7.32
C TYR C 25 -9.07 -23.12 -8.09
N GLY C 26 -9.39 -24.32 -7.61
CA GLY C 26 -10.39 -25.13 -8.27
C GLY C 26 -9.96 -25.73 -9.58
N GLY C 27 -8.67 -25.72 -9.89
CA GLY C 27 -8.17 -26.27 -11.14
C GLY C 27 -6.67 -26.12 -11.31
N SER C 28 -6.05 -27.10 -11.94
CA SER C 28 -4.61 -27.04 -12.13
C SER C 28 -4.26 -26.13 -13.30
N LEU C 29 -3.04 -25.59 -13.26
CA LEU C 29 -2.53 -24.79 -14.36
C LEU C 29 -2.32 -25.63 -15.61
N SER C 30 -2.14 -26.94 -15.47
CA SER C 30 -1.86 -27.81 -16.60
C SER C 30 -3.05 -27.88 -17.55
N GLY C 31 -2.76 -27.90 -18.85
CA GLY C 31 -3.76 -28.04 -19.88
C GLY C 31 -4.26 -26.74 -20.47
N TYR C 32 -4.08 -25.62 -19.76
CA TYR C 32 -4.62 -24.34 -20.18
C TYR C 32 -3.52 -23.30 -20.30
N TYR C 33 -3.74 -22.33 -21.18
CA TYR C 33 -2.94 -21.12 -21.23
C TYR C 33 -3.63 -20.04 -20.41
N TRP C 34 -2.83 -19.32 -19.62
CA TRP C 34 -3.35 -18.32 -18.68
C TRP C 34 -2.78 -16.97 -19.06
N SER C 35 -3.65 -15.96 -19.12
CA SER C 35 -3.31 -14.67 -19.71
C SER C 35 -3.47 -13.55 -18.71
N TRP C 36 -2.80 -12.44 -19.02
CA TRP C 36 -3.02 -11.15 -18.38
C TRP C 36 -3.63 -10.18 -19.37
N ILE C 37 -4.62 -9.42 -18.93
CA ILE C 37 -5.31 -8.43 -19.76
C ILE C 37 -5.48 -7.17 -18.93
N ARG C 38 -5.12 -6.02 -19.49
CA ARG C 38 -5.33 -4.77 -18.78
C ARG C 38 -6.42 -3.94 -19.45
N GLN C 39 -6.85 -2.91 -18.72
CA GLN C 39 -7.94 -2.05 -19.18
C GLN C 39 -7.77 -0.70 -18.50
N THR C 40 -7.50 0.33 -19.27
CA THR C 40 -7.47 1.68 -18.71
C THR C 40 -8.90 2.08 -18.34
N PRO C 41 -9.14 2.59 -17.12
CA PRO C 41 -10.51 2.92 -16.71
C PRO C 41 -11.22 3.82 -17.71
N GLY C 42 -12.36 3.36 -18.22
CA GLY C 42 -13.09 4.09 -19.23
C GLY C 42 -12.73 3.73 -20.66
N LYS C 43 -11.77 2.82 -20.86
CA LYS C 43 -11.32 2.44 -22.19
C LYS C 43 -11.59 0.96 -22.46
N GLY C 44 -10.88 0.41 -23.45
CA GLY C 44 -11.07 -0.97 -23.85
C GLY C 44 -10.06 -1.92 -23.22
N LEU C 45 -10.03 -3.13 -23.77
CA LEU C 45 -9.22 -4.22 -23.24
C LEU C 45 -8.00 -4.46 -24.13
N GLU C 46 -6.90 -4.86 -23.50
CA GLU C 46 -5.64 -5.11 -24.20
C GLU C 46 -5.04 -6.40 -23.66
N TRP C 47 -4.96 -7.43 -24.50
CA TRP C 47 -4.28 -8.65 -24.12
C TRP C 47 -2.79 -8.40 -23.97
N ILE C 48 -2.23 -8.81 -22.84
CA ILE C 48 -0.81 -8.62 -22.54
C ILE C 48 0.02 -9.83 -22.91
N GLY C 49 -0.34 -11.00 -22.40
CA GLY C 49 0.42 -12.20 -22.69
C GLY C 49 -0.23 -13.41 -22.05
N GLU C 50 0.31 -14.58 -22.41
CA GLU C 50 -0.18 -15.86 -21.93
C GLU C 50 1.02 -16.78 -21.64
N ILE C 51 0.79 -17.71 -20.72
CA ILE C 51 1.79 -18.71 -20.33
C ILE C 51 1.06 -19.98 -19.92
N ASN C 52 1.69 -21.12 -20.18
CA ASN C 52 1.16 -22.41 -19.76
C ASN C 52 2.08 -23.02 -18.70
N HIS C 53 1.71 -24.21 -18.21
CA HIS C 53 2.47 -24.84 -17.14
C HIS C 53 3.88 -25.20 -17.55
N THR C 54 4.12 -25.39 -18.85
CA THR C 54 5.46 -25.61 -19.39
C THR C 54 6.33 -24.37 -19.24
N GLY C 55 5.71 -23.20 -19.16
CA GLY C 55 6.44 -21.95 -19.23
C GLY C 55 6.47 -21.35 -20.61
N THR C 56 5.89 -22.02 -21.60
CA THR C 56 5.77 -21.44 -22.93
C THR C 56 4.94 -20.17 -22.87
N THR C 57 5.42 -19.12 -23.54
CA THR C 57 4.82 -17.80 -23.42
C THR C 57 4.47 -17.25 -24.80
N ASN C 58 3.50 -16.34 -24.81
CA ASN C 58 3.16 -15.56 -25.99
C ASN C 58 2.79 -14.16 -25.53
N TYR C 59 3.53 -13.16 -25.98
CA TYR C 59 3.32 -11.78 -25.57
C TYR C 59 2.74 -10.95 -26.71
N ASN C 60 1.96 -9.95 -26.35
CA ASN C 60 1.51 -8.95 -27.31
C ASN C 60 2.74 -8.28 -27.92
N PRO C 61 2.93 -8.34 -29.23
CA PRO C 61 4.17 -7.82 -29.82
C PRO C 61 4.44 -6.35 -29.51
N SER C 62 3.40 -5.57 -29.22
CA SER C 62 3.60 -4.18 -28.85
C SER C 62 4.09 -4.02 -27.41
N LEU C 63 4.14 -5.11 -26.64
CA LEU C 63 4.62 -5.09 -25.27
C LEU C 63 5.75 -6.08 -25.01
N LYS C 64 6.17 -6.84 -26.03
CA LYS C 64 7.10 -7.94 -25.81
C LYS C 64 8.42 -7.48 -25.22
N SER C 65 8.83 -6.23 -25.49
CA SER C 65 10.10 -5.76 -24.97
C SER C 65 10.05 -5.46 -23.48
N ARG C 66 8.86 -5.19 -22.93
CA ARG C 66 8.72 -4.79 -21.53
C ARG C 66 8.01 -5.82 -20.68
N VAL C 67 7.58 -6.95 -21.25
CA VAL C 67 6.66 -7.86 -20.57
C VAL C 67 7.26 -9.27 -20.55
N THR C 68 7.32 -9.86 -19.36
CA THR C 68 7.65 -11.26 -19.18
C THR C 68 6.61 -11.90 -18.27
N MET C 69 6.51 -13.22 -18.34
CA MET C 69 5.55 -13.95 -17.51
C MET C 69 6.20 -15.23 -17.01
N SER C 70 5.81 -15.64 -15.81
CA SER C 70 6.40 -16.82 -15.19
C SER C 70 5.30 -17.65 -14.54
N VAL C 71 5.64 -18.90 -14.21
CA VAL C 71 4.69 -19.83 -13.63
C VAL C 71 5.36 -20.59 -12.48
N ASP C 72 4.66 -20.73 -11.36
CA ASP C 72 5.08 -21.54 -10.23
C ASP C 72 4.07 -22.67 -10.12
N THR C 73 4.40 -23.82 -10.71
CA THR C 73 3.47 -24.95 -10.72
C THR C 73 3.34 -25.57 -9.35
N SER C 74 4.36 -25.45 -8.50
CA SER C 74 4.35 -25.89 -7.10
C SER C 74 3.18 -25.26 -6.36
N LYS C 75 3.16 -23.93 -6.44
CA LYS C 75 2.14 -23.12 -5.79
C LYS C 75 0.92 -22.90 -6.66
N ASN C 76 0.94 -23.38 -7.90
CA ASN C 76 -0.18 -23.24 -8.84
C ASN C 76 -0.52 -21.77 -9.06
N GLN C 77 0.51 -20.98 -9.32
CA GLN C 77 0.34 -19.53 -9.58
C GLN C 77 1.07 -19.12 -10.85
N PHE C 78 0.78 -17.93 -11.32
CA PHE C 78 1.51 -17.37 -12.46
C PHE C 78 1.55 -15.86 -12.33
N SER C 79 2.62 -15.27 -12.88
CA SER C 79 3.05 -13.91 -12.60
C SER C 79 3.31 -13.13 -13.87
N LEU C 80 3.09 -11.83 -13.81
CA LEU C 80 3.42 -10.87 -14.87
C LEU C 80 4.44 -9.87 -14.36
N LYS C 81 5.52 -9.69 -15.13
CA LYS C 81 6.50 -8.64 -14.91
C LYS C 81 6.42 -7.65 -16.06
N MET C 82 6.31 -6.36 -15.74
CA MET C 82 6.30 -5.31 -16.74
C MET C 82 7.30 -4.24 -16.36
N SER C 83 8.11 -3.80 -17.32
CA SER C 83 9.21 -2.90 -17.09
C SER C 83 9.08 -1.66 -17.97
N SER C 84 9.99 -0.72 -17.76
CA SER C 84 10.02 0.59 -18.44
C SER C 84 8.63 1.24 -18.41
N LEU C 85 8.09 1.30 -17.19
CA LEU C 85 6.73 1.76 -17.00
C LEU C 85 6.60 3.25 -17.26
N THR C 86 5.41 3.64 -17.70
CA THR C 86 5.02 5.04 -17.82
C THR C 86 3.61 5.20 -17.25
N ALA C 87 3.15 6.45 -17.21
CA ALA C 87 1.80 6.71 -16.72
C ALA C 87 0.75 6.02 -17.57
N ALA C 88 1.05 5.77 -18.85
CA ALA C 88 0.13 5.05 -19.73
C ALA C 88 -0.09 3.61 -19.30
N ASP C 89 0.68 3.10 -18.33
CA ASP C 89 0.50 1.76 -17.82
C ASP C 89 -0.46 1.69 -16.65
N THR C 90 -1.01 2.82 -16.21
CA THR C 90 -2.06 2.83 -15.20
C THR C 90 -3.30 2.15 -15.76
N ALA C 91 -3.70 1.04 -15.13
CA ALA C 91 -4.84 0.28 -15.65
C ALA C 91 -5.29 -0.73 -14.61
N LEU C 92 -6.52 -1.20 -14.78
CA LEU C 92 -6.96 -2.41 -14.10
C LEU C 92 -6.33 -3.62 -14.78
N TYR C 93 -5.72 -4.47 -13.99
CA TYR C 93 -5.02 -5.68 -14.49
C TYR C 93 -5.82 -6.91 -14.10
N TYR C 94 -6.11 -7.75 -15.08
CA TYR C 94 -6.91 -8.97 -14.87
C TYR C 94 -6.09 -10.20 -15.24
N CYS C 95 -6.41 -11.29 -14.58
CA CYS C 95 -5.88 -12.64 -14.80
C CYS C 95 -7.00 -13.42 -15.45
N ALA C 96 -6.75 -14.17 -16.50
CA ALA C 96 -7.88 -14.95 -17.03
C ALA C 96 -7.37 -16.28 -17.57
N ARG C 97 -8.25 -17.29 -17.62
CA ARG C 97 -7.84 -18.57 -18.18
C ARG C 97 -8.53 -18.77 -19.52
N GLU C 98 -7.78 -19.42 -20.40
CA GLU C 98 -8.27 -19.67 -21.75
C GLU C 98 -9.48 -20.60 -21.69
N GLY C 99 -10.55 -20.20 -22.36
CA GLY C 99 -11.83 -20.88 -22.26
C GLY C 99 -11.83 -22.36 -22.56
N ALA C 100 -10.85 -22.82 -23.34
CA ALA C 100 -10.75 -24.23 -23.71
C ALA C 100 -9.32 -24.72 -23.51
N PRO C 101 -9.14 -26.00 -23.19
CA PRO C 101 -7.78 -26.50 -22.95
C PRO C 101 -6.95 -26.52 -24.22
N ARG C 102 -5.66 -26.26 -24.07
CA ARG C 102 -4.75 -26.21 -25.21
C ARG C 102 -3.32 -26.34 -24.72
N TRP C 103 -2.52 -27.13 -25.44
CA TRP C 103 -1.08 -27.21 -25.24
C TRP C 103 -0.28 -26.74 -26.44
N ALA C 104 -0.82 -26.86 -27.65
CA ALA C 104 -0.08 -26.57 -28.87
C ALA C 104 -0.02 -25.06 -29.10
N LEU C 105 1.19 -24.53 -29.23
CA LEU C 105 1.26 -23.09 -29.45
C LEU C 105 1.06 -22.72 -30.91
N LYS C 106 1.29 -23.62 -31.86
CA LYS C 106 1.11 -23.27 -33.27
C LYS C 106 -0.35 -22.98 -33.60
N ARG C 107 -1.26 -23.83 -33.14
CA ARG C 107 -2.67 -23.64 -33.42
C ARG C 107 -3.18 -22.35 -32.78
N PRO C 108 -4.25 -21.76 -33.33
CA PRO C 108 -4.77 -20.51 -32.78
C PRO C 108 -5.26 -20.69 -31.35
N SER C 109 -5.44 -19.55 -30.68
CA SER C 109 -5.81 -19.53 -29.27
C SER C 109 -7.32 -19.71 -29.13
N ASN C 110 -7.82 -19.52 -27.91
CA ASN C 110 -9.25 -19.58 -27.62
C ASN C 110 -9.69 -18.27 -26.98
N TRP C 111 -10.94 -18.25 -26.51
CA TRP C 111 -11.49 -17.14 -25.77
C TRP C 111 -10.99 -17.19 -24.33
N PHE C 112 -11.44 -16.23 -23.51
CA PHE C 112 -11.09 -16.17 -22.10
C PHE C 112 -12.31 -16.54 -21.26
N ASP C 113 -12.13 -17.48 -20.35
CA ASP C 113 -13.20 -17.94 -19.45
C ASP C 113 -12.61 -18.85 -18.38
N PRO C 114 -12.65 -18.45 -17.09
CA PRO C 114 -13.23 -17.18 -16.65
C PRO C 114 -12.18 -16.09 -16.42
N TRP C 115 -12.66 -14.91 -16.03
CA TRP C 115 -11.82 -13.79 -15.67
C TRP C 115 -11.74 -13.65 -14.15
N GLY C 116 -10.59 -13.19 -13.68
CA GLY C 116 -10.47 -12.74 -12.31
C GLY C 116 -10.81 -11.26 -12.19
N GLN C 117 -11.00 -10.81 -10.95
CA GLN C 117 -11.26 -9.40 -10.74
C GLN C 117 -10.02 -8.58 -11.14
N GLY C 118 -10.27 -7.33 -11.50
CA GLY C 118 -9.18 -6.44 -11.90
C GLY C 118 -8.67 -5.64 -10.72
N THR C 119 -7.35 -5.53 -10.63
CA THR C 119 -6.69 -4.74 -9.60
C THR C 119 -6.06 -3.51 -10.24
N LEU C 120 -6.27 -2.35 -9.65
CA LEU C 120 -5.77 -1.11 -10.21
C LEU C 120 -4.28 -0.95 -9.94
N VAL C 121 -3.51 -0.68 -11.00
CA VAL C 121 -2.10 -0.34 -10.86
C VAL C 121 -1.91 1.06 -11.42
N THR C 122 -1.28 1.91 -10.62
CA THR C 122 -1.07 3.31 -10.95
C THR C 122 0.42 3.57 -11.06
N VAL C 123 0.86 4.09 -12.20
CA VAL C 123 2.23 4.50 -12.43
C VAL C 123 2.25 6.02 -12.58
N SER C 124 3.09 6.69 -11.80
CA SER C 124 3.11 8.14 -11.79
C SER C 124 4.35 8.62 -11.05
N SER C 125 4.76 9.85 -11.36
CA SER C 125 5.80 10.55 -10.61
C SER C 125 5.26 11.25 -9.37
N ALA C 126 3.95 11.39 -9.26
CA ALA C 126 3.36 12.03 -8.09
C ALA C 126 3.58 11.19 -6.84
N SER C 127 3.66 11.88 -5.70
CA SER C 127 3.76 11.22 -4.41
C SER C 127 2.37 11.18 -3.75
N THR C 128 2.17 10.17 -2.91
CA THR C 128 0.91 9.99 -2.22
C THR C 128 0.50 11.27 -1.50
N LYS C 129 -0.71 11.75 -1.80
CA LYS C 129 -1.18 13.01 -1.24
C LYS C 129 -2.64 12.86 -0.80
N GLY C 130 -2.91 13.26 0.45
CA GLY C 130 -4.26 13.21 0.98
C GLY C 130 -5.12 14.31 0.39
N PRO C 131 -6.43 14.05 0.32
CA PRO C 131 -7.33 15.03 -0.28
C PRO C 131 -7.66 16.18 0.66
N SER C 132 -7.96 17.32 0.05
CA SER C 132 -8.61 18.37 0.81
C SER C 132 -10.10 18.28 0.57
N VAL C 133 -10.84 18.33 1.67
CA VAL C 133 -12.28 18.09 1.65
C VAL C 133 -12.97 19.43 1.92
N PHE C 134 -13.43 20.08 0.86
CA PHE C 134 -14.09 21.36 1.05
C PHE C 134 -15.60 21.19 0.99
N PRO C 135 -16.37 21.93 1.78
CA PRO C 135 -17.82 21.78 1.76
C PRO C 135 -18.46 22.44 0.56
N LEU C 136 -19.57 21.86 0.12
CA LEU C 136 -20.45 22.43 -0.89
C LEU C 136 -21.73 22.74 -0.14
N ALA C 137 -21.78 23.93 0.45
CA ALA C 137 -22.85 24.27 1.39
C ALA C 137 -24.18 24.42 0.65
N PRO C 138 -25.28 23.98 1.25
CA PRO C 138 -26.60 24.21 0.65
C PRO C 138 -26.92 25.70 0.68
N SER C 139 -27.16 26.27 -0.50
CA SER C 139 -27.37 27.67 -0.80
C SER C 139 -28.82 27.90 -1.20
N SER C 140 -29.22 29.17 -1.33
CA SER C 140 -30.47 29.43 -2.04
C SER C 140 -30.31 29.26 -3.54
N LYS C 141 -29.09 29.23 -4.06
CA LYS C 141 -28.81 28.82 -5.42
C LYS C 141 -28.56 27.32 -5.54
N SER C 142 -28.76 26.57 -4.45
CA SER C 142 -28.74 25.12 -4.47
C SER C 142 -30.07 24.55 -3.98
N THR C 143 -31.16 25.27 -4.22
CA THR C 143 -32.52 24.91 -3.82
C THR C 143 -33.39 24.73 -5.07
N SER C 144 -34.40 23.86 -4.96
CA SER C 144 -35.39 23.75 -6.02
C SER C 144 -36.70 23.29 -5.37
N GLY C 145 -37.28 24.28 -4.73
CA GLY C 145 -38.51 24.09 -3.97
C GLY C 145 -38.22 23.62 -2.55
N GLY C 146 -38.73 22.45 -2.19
CA GLY C 146 -38.48 21.88 -0.88
C GLY C 146 -37.30 20.94 -0.87
N THR C 147 -36.39 21.10 -1.84
CA THR C 147 -35.23 20.24 -2.02
C THR C 147 -33.98 21.08 -2.09
N ALA C 148 -33.00 20.81 -1.23
CA ALA C 148 -31.70 21.45 -1.28
C ALA C 148 -30.63 20.44 -1.66
N ALA C 149 -29.53 20.94 -2.20
CA ALA C 149 -28.39 20.11 -2.58
C ALA C 149 -27.16 20.53 -1.77
N LEU C 150 -26.39 19.54 -1.31
CA LEU C 150 -25.19 19.83 -0.55
C LEU C 150 -24.19 18.72 -0.79
N GLY C 151 -22.91 19.05 -0.70
CA GLY C 151 -21.91 18.07 -1.00
C GLY C 151 -20.53 18.34 -0.43
N CYS C 152 -19.55 17.64 -1.00
CA CYS C 152 -18.15 17.71 -0.61
C CYS C 152 -17.28 17.63 -1.86
N LEU C 153 -16.31 18.54 -1.98
CA LEU C 153 -15.31 18.50 -3.04
C LEU C 153 -14.04 17.87 -2.47
N VAL C 154 -13.70 16.70 -2.99
CA VAL C 154 -12.51 15.97 -2.55
C VAL C 154 -11.45 16.24 -3.62
N LYS C 155 -10.55 17.17 -3.32
CA LYS C 155 -9.68 17.77 -4.33
C LYS C 155 -8.21 17.49 -4.03
N ASP C 156 -7.43 17.31 -5.10
CA ASP C 156 -5.97 17.27 -5.03
C ASP C 156 -5.48 16.11 -4.14
N TYR C 157 -5.87 14.91 -4.54
CA TYR C 157 -5.41 13.70 -3.89
C TYR C 157 -4.77 12.76 -4.92
N PHE C 158 -3.95 11.84 -4.41
CA PHE C 158 -3.25 10.88 -5.25
C PHE C 158 -2.73 9.75 -4.38
N PRO C 159 -2.87 8.49 -4.80
CA PRO C 159 -3.57 8.10 -6.03
C PRO C 159 -5.02 7.71 -5.78
N GLU C 160 -5.62 7.05 -6.75
CA GLU C 160 -6.93 6.44 -6.57
C GLU C 160 -6.81 5.18 -5.72
N PRO C 161 -7.88 4.79 -5.01
CA PRO C 161 -9.18 5.48 -4.93
C PRO C 161 -9.43 6.17 -3.60
N VAL C 162 -10.54 6.89 -3.53
CA VAL C 162 -11.10 7.37 -2.29
C VAL C 162 -12.53 6.84 -2.21
N THR C 163 -12.99 6.60 -0.99
CA THR C 163 -14.36 6.21 -0.74
C THR C 163 -15.06 7.32 0.02
N VAL C 164 -16.32 7.58 -0.33
CA VAL C 164 -17.13 8.66 0.23
C VAL C 164 -18.40 8.06 0.79
N SER C 165 -18.73 8.36 2.06
CA SER C 165 -20.03 8.04 2.62
C SER C 165 -20.65 9.30 3.19
N TRP C 166 -21.95 9.26 3.43
CA TRP C 166 -22.67 10.38 4.02
C TRP C 166 -23.29 9.95 5.34
N ASN C 167 -22.97 10.68 6.40
CA ASN C 167 -23.40 10.34 7.76
C ASN C 167 -23.03 8.91 8.12
N SER C 168 -21.76 8.57 7.88
CA SER C 168 -21.21 7.26 8.21
C SER C 168 -21.97 6.12 7.52
N GLY C 169 -22.60 6.42 6.39
CA GLY C 169 -23.35 5.42 5.64
C GLY C 169 -24.84 5.40 5.91
N ALA C 170 -25.32 6.16 6.90
CA ALA C 170 -26.74 6.14 7.20
C ALA C 170 -27.55 6.84 6.12
N LEU C 171 -26.98 7.84 5.46
CA LEU C 171 -27.65 8.58 4.41
C LEU C 171 -27.18 8.06 3.05
N THR C 172 -28.08 7.45 2.29
CA THR C 172 -27.70 6.85 1.01
C THR C 172 -28.55 7.33 -0.15
N SER C 173 -29.85 7.50 0.05
CA SER C 173 -30.77 7.91 -1.01
C SER C 173 -30.45 9.32 -1.48
N GLY C 174 -30.53 9.55 -2.80
CA GLY C 174 -30.24 10.87 -3.34
C GLY C 174 -28.78 11.24 -3.34
N VAL C 175 -27.89 10.31 -2.98
CA VAL C 175 -26.45 10.57 -2.98
C VAL C 175 -25.88 10.23 -4.35
N HIS C 176 -25.09 11.14 -4.89
CA HIS C 176 -24.34 10.92 -6.13
C HIS C 176 -22.87 11.21 -5.86
N THR C 177 -22.03 10.18 -5.96
CA THR C 177 -20.59 10.36 -5.91
C THR C 177 -20.05 10.21 -7.32
N PHE C 178 -19.50 11.28 -7.85
CA PHE C 178 -19.05 11.31 -9.23
C PHE C 178 -17.65 10.70 -9.34
N PRO C 179 -17.35 10.03 -10.46
CA PRO C 179 -15.98 9.56 -10.68
C PRO C 179 -15.02 10.73 -10.72
N ALA C 180 -13.82 10.51 -10.19
CA ALA C 180 -12.84 11.58 -10.11
C ALA C 180 -12.34 11.96 -11.50
N VAL C 181 -11.78 13.16 -11.59
CA VAL C 181 -11.12 13.64 -12.79
C VAL C 181 -9.64 13.80 -12.49
N LEU C 182 -8.79 13.45 -13.45
CA LEU C 182 -7.36 13.64 -13.33
C LEU C 182 -7.01 15.06 -13.77
N GLN C 183 -6.54 15.86 -12.83
CA GLN C 183 -6.17 17.24 -13.14
C GLN C 183 -4.79 17.27 -13.79
N SER C 184 -4.49 18.41 -14.42
CA SER C 184 -3.20 18.57 -15.09
C SER C 184 -2.03 18.55 -14.13
N SER C 185 -2.28 18.63 -12.83
CA SER C 185 -1.23 18.53 -11.83
C SER C 185 -0.84 17.09 -11.50
N GLY C 186 -1.59 16.11 -12.02
CA GLY C 186 -1.39 14.72 -11.66
C GLY C 186 -2.24 14.25 -10.49
N LEU C 187 -2.99 15.16 -9.85
CA LEU C 187 -3.82 14.83 -8.70
C LEU C 187 -5.27 14.68 -9.13
N TYR C 188 -6.00 13.84 -8.41
CA TYR C 188 -7.39 13.57 -8.71
C TYR C 188 -8.31 14.50 -7.93
N SER C 189 -9.54 14.61 -8.41
CA SER C 189 -10.53 15.46 -7.76
C SER C 189 -11.92 14.97 -8.14
N LEU C 190 -12.77 14.76 -7.13
CA LEU C 190 -14.15 14.37 -7.36
C LEU C 190 -15.07 15.18 -6.45
N SER C 191 -16.37 14.96 -6.63
CA SER C 191 -17.39 15.60 -5.81
C SER C 191 -18.43 14.56 -5.43
N SER C 192 -18.98 14.72 -4.23
CA SER C 192 -20.11 13.88 -3.87
C SER C 192 -21.18 14.76 -3.24
N VAL C 193 -22.37 14.64 -3.79
CA VAL C 193 -23.54 15.47 -3.39
C VAL C 193 -24.69 14.62 -2.88
N VAL C 194 -25.69 15.28 -2.34
CA VAL C 194 -26.93 14.62 -1.87
C VAL C 194 -28.05 15.64 -1.95
N THR C 195 -29.16 15.24 -2.53
CA THR C 195 -30.32 16.16 -2.53
C THR C 195 -31.08 15.86 -1.25
N VAL C 196 -31.38 16.86 -0.42
CA VAL C 196 -32.16 16.59 0.81
C VAL C 196 -33.34 17.56 0.95
N PRO C 197 -34.29 17.29 1.85
CA PRO C 197 -35.42 18.18 2.09
C PRO C 197 -34.89 19.50 2.65
N SER C 198 -35.26 20.61 2.03
CA SER C 198 -34.81 21.93 2.53
C SER C 198 -35.21 22.10 4.00
N SER C 199 -36.38 21.60 4.39
CA SER C 199 -36.87 21.63 5.79
C SER C 199 -35.93 20.92 6.76
N SER C 200 -35.14 19.95 6.31
CA SER C 200 -34.15 19.26 7.16
C SER C 200 -32.92 20.11 7.47
N LEU C 201 -32.59 21.12 6.67
CA LEU C 201 -31.36 21.89 6.98
C LEU C 201 -31.49 22.61 8.31
N GLY C 202 -30.49 22.49 9.17
CA GLY C 202 -30.55 23.19 10.48
C GLY C 202 -30.92 22.27 11.63
N THR C 203 -31.56 21.15 11.31
CA THR C 203 -32.05 20.18 12.30
C THR C 203 -31.24 18.91 12.14
N GLN C 204 -31.08 18.46 10.91
CA GLN C 204 -30.32 17.23 10.61
C GLN C 204 -28.88 17.57 10.29
N THR C 205 -27.98 16.81 10.88
CA THR C 205 -26.54 16.87 10.69
C THR C 205 -26.16 16.22 9.36
N TYR C 206 -25.28 16.87 8.59
CA TYR C 206 -24.83 16.27 7.31
C TYR C 206 -23.30 16.24 7.26
N ILE C 207 -22.74 15.03 7.25
CA ILE C 207 -21.27 14.89 7.27
C ILE C 207 -20.82 13.96 6.14
N CYS C 208 -19.80 14.38 5.41
CA CYS C 208 -19.25 13.49 4.39
C CYS C 208 -18.04 12.79 5.01
N ASN C 209 -17.90 11.51 4.75
CA ASN C 209 -16.77 10.73 5.28
C ASN C 209 -15.88 10.41 4.08
N VAL C 210 -14.65 10.91 4.09
CA VAL C 210 -13.72 10.73 2.95
C VAL C 210 -12.56 9.85 3.38
N ASN C 211 -12.45 8.66 2.81
CA ASN C 211 -11.38 7.74 3.20
C ASN C 211 -10.43 7.59 2.03
N HIS C 212 -9.15 7.89 2.28
CA HIS C 212 -8.05 7.70 1.31
C HIS C 212 -7.02 6.83 2.02
N LYS C 213 -7.14 5.52 1.82
CA LYS C 213 -6.20 4.58 2.45
C LYS C 213 -4.75 4.76 2.00
N PRO C 214 -4.43 5.06 0.73
CA PRO C 214 -3.00 5.23 0.38
C PRO C 214 -2.27 6.24 1.23
N SER C 215 -2.93 7.32 1.65
CA SER C 215 -2.33 8.31 2.51
C SER C 215 -2.71 8.15 3.97
N ASN C 216 -3.45 7.09 4.32
CA ASN C 216 -3.88 6.83 5.69
C ASN C 216 -4.74 7.98 6.22
N THR C 217 -5.61 8.51 5.37
CA THR C 217 -6.39 9.71 5.69
C THR C 217 -7.87 9.38 5.79
N LYS C 218 -8.52 9.89 6.83
CA LYS C 218 -9.96 9.78 7.00
C LYS C 218 -10.48 11.11 7.51
N VAL C 219 -11.24 11.82 6.67
CA VAL C 219 -11.71 13.17 6.97
C VAL C 219 -13.22 13.16 7.08
N ASP C 220 -13.74 13.66 8.19
CA ASP C 220 -15.17 13.90 8.36
C ASP C 220 -15.41 15.40 8.27
N LYS C 221 -16.16 15.82 7.26
CA LYS C 221 -16.44 17.24 7.03
C LYS C 221 -17.93 17.49 7.21
N LYS C 222 -18.25 18.42 8.11
CA LYS C 222 -19.64 18.81 8.35
C LYS C 222 -20.03 19.92 7.38
N VAL C 223 -21.17 19.75 6.71
CA VAL C 223 -21.65 20.69 5.71
C VAL C 223 -22.83 21.45 6.33
N GLU C 224 -22.62 22.77 6.55
CA GLU C 224 -23.62 23.65 7.13
C GLU C 224 -24.25 24.52 6.05
N PRO C 225 -25.51 24.94 6.24
CA PRO C 225 -26.15 25.82 5.26
C PRO C 225 -25.44 27.16 5.18
N LYS C 226 -25.52 27.78 4.00
CA LYS C 226 -24.92 29.08 3.79
C LYS C 226 -25.85 29.99 2.98
N GLU D 1 -2.84 -7.06 -35.61
CA GLU D 1 -3.00 -7.06 -37.06
C GLU D 1 -4.46 -6.82 -37.45
N ILE D 2 -5.37 -7.34 -36.64
CA ILE D 2 -6.81 -7.25 -36.92
C ILE D 2 -7.43 -6.28 -35.92
N VAL D 3 -7.98 -5.19 -36.43
CA VAL D 3 -8.68 -4.20 -35.61
C VAL D 3 -10.17 -4.46 -35.72
N LEU D 4 -10.85 -4.49 -34.58
CA LEU D 4 -12.29 -4.71 -34.52
C LEU D 4 -12.97 -3.40 -34.14
N THR D 5 -13.81 -2.89 -35.03
CA THR D 5 -14.58 -1.68 -34.76
C THR D 5 -16.03 -2.07 -34.51
N GLN D 6 -16.55 -1.63 -33.37
CA GLN D 6 -17.91 -1.94 -32.97
C GLN D 6 -18.85 -0.78 -33.30
N SER D 7 -20.13 -1.11 -33.43
CA SER D 7 -21.15 -0.12 -33.76
C SER D 7 -22.50 -0.54 -33.21
N PRO D 8 -23.31 0.39 -32.72
CA PRO D 8 -22.92 1.80 -32.56
C PRO D 8 -22.08 1.99 -31.30
N VAL D 9 -21.56 3.20 -31.09
CA VAL D 9 -20.85 3.48 -29.85
C VAL D 9 -21.78 3.34 -28.66
N SER D 10 -23.00 3.85 -28.79
CA SER D 10 -24.02 3.77 -27.75
C SER D 10 -25.34 3.36 -28.37
N LEU D 11 -26.07 2.47 -27.72
CA LEU D 11 -27.38 2.01 -28.18
C LEU D 11 -28.39 2.26 -27.05
N SER D 12 -29.39 3.09 -27.33
CA SER D 12 -30.38 3.43 -26.31
C SER D 12 -31.68 2.70 -26.65
N LEU D 13 -31.91 1.61 -25.91
CA LEU D 13 -33.10 0.79 -26.07
C LEU D 13 -33.83 0.66 -24.73
N SER D 14 -35.05 0.14 -24.81
CA SER D 14 -35.94 -0.07 -23.70
C SER D 14 -36.01 -1.54 -23.32
N PRO D 15 -36.23 -1.84 -22.04
CA PRO D 15 -36.36 -3.24 -21.62
C PRO D 15 -37.51 -3.93 -22.35
N GLY D 16 -37.18 -4.98 -23.10
CA GLY D 16 -38.13 -5.71 -23.90
C GLY D 16 -37.89 -5.62 -25.39
N GLU D 17 -37.10 -4.64 -25.83
CA GLU D 17 -36.81 -4.49 -27.25
C GLU D 17 -35.66 -5.43 -27.65
N ARG D 18 -35.32 -5.38 -28.94
CA ARG D 18 -34.30 -6.25 -29.52
C ARG D 18 -33.08 -5.43 -29.88
N ALA D 19 -31.92 -5.83 -29.36
CA ALA D 19 -30.66 -5.12 -29.57
C ALA D 19 -29.78 -5.92 -30.52
N THR D 20 -29.20 -5.23 -31.50
CA THR D 20 -28.23 -5.87 -32.37
C THR D 20 -27.00 -4.98 -32.47
N LEU D 21 -25.91 -5.54 -31.94
CA LEU D 21 -24.60 -4.91 -31.90
C LEU D 21 -23.75 -5.47 -33.04
N SER D 22 -22.92 -4.63 -33.65
CA SER D 22 -22.12 -5.00 -34.80
C SER D 22 -20.64 -4.90 -34.49
N CYS D 23 -19.87 -5.85 -35.03
CA CYS D 23 -18.42 -5.89 -34.85
C CYS D 23 -17.82 -6.21 -36.21
N ARG D 24 -17.06 -5.25 -36.73
CA ARG D 24 -16.46 -5.37 -38.06
C ARG D 24 -14.96 -5.49 -37.95
N ALA D 25 -14.39 -6.41 -38.72
CA ALA D 25 -12.96 -6.69 -38.69
C ALA D 25 -12.25 -6.02 -39.86
N SER D 26 -11.01 -5.61 -39.62
CA SER D 26 -10.22 -4.98 -40.68
C SER D 26 -9.97 -5.95 -41.84
N GLN D 27 -9.98 -7.24 -41.53
CA GLN D 27 -9.76 -8.29 -42.53
C GLN D 27 -10.69 -9.48 -42.25
N SER D 28 -10.76 -10.43 -43.18
CA SER D 28 -11.60 -11.63 -43.03
C SER D 28 -11.00 -12.54 -41.96
N ILE D 29 -11.86 -13.19 -41.17
CA ILE D 29 -11.45 -14.13 -40.09
C ILE D 29 -12.44 -15.27 -40.08
N SER D 30 -12.06 -16.43 -39.58
CA SER D 30 -13.04 -17.54 -39.52
C SER D 30 -14.03 -17.26 -38.40
N SER D 31 -15.29 -17.59 -38.60
CA SER D 31 -16.41 -17.42 -37.64
C SER D 31 -16.07 -18.07 -36.30
N THR D 32 -15.31 -19.17 -36.33
CA THR D 32 -14.74 -19.99 -35.24
C THR D 32 -14.00 -19.15 -34.19
N TYR D 33 -13.35 -18.07 -34.61
CA TYR D 33 -12.45 -17.25 -33.75
C TYR D 33 -13.06 -15.90 -33.35
N LEU D 34 -14.31 -15.90 -32.89
CA LEU D 34 -14.98 -14.65 -32.48
C LEU D 34 -15.69 -14.89 -31.15
N ALA D 35 -15.57 -13.94 -30.23
CA ALA D 35 -16.22 -14.06 -28.94
C ALA D 35 -16.83 -12.73 -28.53
N TRP D 36 -17.85 -12.80 -27.69
CA TRP D 36 -18.55 -11.65 -27.14
C TRP D 36 -18.54 -11.75 -25.62
N TYR D 37 -18.16 -10.65 -24.97
CA TYR D 37 -18.14 -10.52 -23.52
C TYR D 37 -19.03 -9.38 -23.07
N GLN D 38 -19.62 -9.53 -21.88
CA GLN D 38 -20.39 -8.50 -21.22
C GLN D 38 -19.62 -7.98 -20.02
N GLN D 39 -19.76 -6.68 -19.75
CA GLN D 39 -19.11 -6.07 -18.60
C GLN D 39 -20.03 -5.04 -17.96
N ILE D 40 -20.22 -5.17 -16.65
CA ILE D 40 -20.89 -4.17 -15.83
C ILE D 40 -19.82 -3.27 -15.26
N PRO D 41 -20.03 -1.95 -15.21
CA PRO D 41 -19.02 -1.05 -14.66
C PRO D 41 -18.60 -1.45 -13.24
N GLY D 42 -17.30 -1.56 -13.04
CA GLY D 42 -16.76 -1.99 -11.77
C GLY D 42 -16.57 -3.48 -11.61
N GLN D 43 -16.78 -4.26 -12.67
CA GLN D 43 -16.59 -5.70 -12.61
C GLN D 43 -15.89 -6.19 -13.87
N ALA D 44 -15.36 -7.40 -13.79
CA ALA D 44 -14.62 -7.99 -14.89
C ALA D 44 -15.56 -8.43 -16.00
N PRO D 45 -15.06 -8.55 -17.23
CA PRO D 45 -15.90 -9.07 -18.32
C PRO D 45 -16.33 -10.50 -18.04
N ARG D 46 -17.52 -10.83 -18.52
CA ARG D 46 -18.08 -12.18 -18.42
C ARG D 46 -18.30 -12.72 -19.83
N LEU D 47 -17.89 -13.97 -20.06
CA LEU D 47 -18.04 -14.58 -21.37
C LEU D 47 -19.52 -14.74 -21.71
N LEU D 48 -19.89 -14.33 -22.92
CA LEU D 48 -21.23 -14.54 -23.46
C LEU D 48 -21.22 -15.53 -24.61
N ILE D 49 -20.51 -15.20 -25.69
CA ILE D 49 -20.53 -16.02 -26.89
C ILE D 49 -19.10 -16.38 -27.26
N TYR D 50 -18.87 -17.63 -27.71
CA TYR D 50 -17.59 -18.09 -28.30
C TYR D 50 -17.85 -18.76 -29.66
N GLY D 51 -16.95 -18.58 -30.62
CA GLY D 51 -17.06 -19.21 -31.96
C GLY D 51 -18.06 -18.54 -32.88
N ALA D 52 -18.47 -17.32 -32.46
CA ALA D 52 -19.40 -16.35 -33.08
C ALA D 52 -20.89 -16.68 -32.82
N SER D 53 -21.19 -17.92 -32.40
CA SER D 53 -22.58 -18.40 -32.24
C SER D 53 -22.74 -19.17 -30.94
N SER D 54 -21.71 -19.87 -30.50
CA SER D 54 -21.89 -20.70 -29.30
C SER D 54 -21.92 -19.84 -28.03
N ARG D 55 -23.00 -19.94 -27.30
CA ARG D 55 -23.08 -19.19 -26.06
C ARG D 55 -22.63 -20.07 -24.89
N ALA D 56 -21.96 -19.46 -23.93
CA ALA D 56 -21.42 -20.19 -22.79
C ALA D 56 -22.55 -20.67 -21.88
N ALA D 57 -22.20 -21.57 -20.96
CA ALA D 57 -23.15 -22.06 -19.99
C ALA D 57 -23.65 -20.91 -19.11
N GLY D 58 -24.92 -20.97 -18.73
CA GLY D 58 -25.52 -19.93 -17.93
C GLY D 58 -25.98 -18.71 -18.69
N ILE D 59 -25.87 -18.71 -20.02
CA ILE D 59 -26.32 -17.60 -20.85
C ILE D 59 -27.70 -17.96 -21.40
N PRO D 60 -28.73 -17.14 -21.14
CA PRO D 60 -30.09 -17.50 -21.58
C PRO D 60 -30.27 -17.51 -23.09
N ASP D 61 -31.46 -17.90 -23.54
CA ASP D 61 -31.69 -18.08 -24.97
C ASP D 61 -31.68 -16.76 -25.73
N ARG D 62 -32.06 -15.67 -25.08
CA ARG D 62 -32.20 -14.39 -25.77
C ARG D 62 -30.90 -13.86 -26.35
N PHE D 63 -29.76 -14.44 -25.97
CA PHE D 63 -28.48 -14.07 -26.54
C PHE D 63 -28.17 -14.99 -27.72
N SER D 64 -27.92 -14.39 -28.88
CA SER D 64 -27.53 -15.12 -30.08
C SER D 64 -26.39 -14.38 -30.78
N GLY D 65 -25.51 -15.12 -31.43
CA GLY D 65 -24.42 -14.52 -32.17
C GLY D 65 -24.30 -15.09 -33.56
N GLY D 66 -23.68 -14.31 -34.44
CA GLY D 66 -23.46 -14.80 -35.80
C GLY D 66 -22.49 -13.92 -36.54
N GLY D 67 -22.25 -14.27 -37.79
CA GLY D 67 -21.42 -13.49 -38.67
C GLY D 67 -20.33 -14.32 -39.33
N SER D 68 -19.68 -13.70 -40.31
CA SER D 68 -18.59 -14.33 -41.04
C SER D 68 -17.77 -13.22 -41.71
N GLY D 69 -16.61 -13.63 -42.23
CA GLY D 69 -15.72 -12.71 -42.91
C GLY D 69 -15.29 -11.54 -42.05
N THR D 70 -15.82 -10.36 -42.35
CA THR D 70 -15.57 -9.09 -41.70
C THR D 70 -16.71 -8.64 -40.80
N ASP D 71 -17.87 -9.27 -40.90
CA ASP D 71 -19.10 -8.76 -40.29
C ASP D 71 -19.61 -9.76 -39.28
N PHE D 72 -19.76 -9.32 -38.02
CA PHE D 72 -20.28 -10.18 -36.97
C PHE D 72 -21.30 -9.40 -36.16
N THR D 73 -22.29 -10.11 -35.63
CA THR D 73 -23.45 -9.51 -34.98
C THR D 73 -23.75 -10.25 -33.68
N LEU D 74 -24.15 -9.48 -32.65
CA LEU D 74 -24.71 -10.01 -31.41
C LEU D 74 -26.14 -9.50 -31.28
N THR D 75 -27.05 -10.36 -30.83
CA THR D 75 -28.47 -10.05 -30.77
C THR D 75 -29.06 -10.46 -29.43
N ILE D 76 -29.61 -9.50 -28.70
CA ILE D 76 -30.33 -9.73 -27.45
C ILE D 76 -31.81 -9.51 -27.76
N SER D 77 -32.59 -10.60 -27.74
CA SER D 77 -33.94 -10.56 -28.28
C SER D 77 -34.87 -9.72 -27.41
N ARG D 78 -35.03 -10.10 -26.14
CA ARG D 78 -35.89 -9.33 -25.26
C ARG D 78 -35.05 -8.87 -24.07
N LEU D 79 -34.71 -7.58 -24.13
CA LEU D 79 -33.76 -7.02 -23.18
C LEU D 79 -34.31 -7.05 -21.76
N GLU D 80 -33.46 -7.44 -20.82
CA GLU D 80 -33.73 -7.46 -19.40
C GLU D 80 -32.91 -6.37 -18.70
N PRO D 81 -33.30 -5.98 -17.48
CA PRO D 81 -32.55 -4.90 -16.79
C PRO D 81 -31.08 -5.21 -16.60
N GLU D 82 -30.73 -6.46 -16.31
CA GLU D 82 -29.32 -6.82 -16.14
C GLU D 82 -28.55 -6.83 -17.46
N ASP D 83 -29.25 -6.81 -18.59
CA ASP D 83 -28.59 -6.87 -19.89
C ASP D 83 -28.01 -5.53 -20.33
N PHE D 84 -28.36 -4.44 -19.66
CA PHE D 84 -27.88 -3.11 -20.04
C PHE D 84 -26.49 -2.90 -19.45
N ALA D 85 -25.48 -3.14 -20.27
CA ALA D 85 -24.09 -3.07 -19.83
C ALA D 85 -23.24 -2.71 -21.04
N VAL D 86 -21.93 -2.94 -20.94
CA VAL D 86 -21.01 -2.74 -22.06
C VAL D 86 -20.72 -4.10 -22.67
N TYR D 87 -20.58 -4.13 -24.00
CA TYR D 87 -20.34 -5.37 -24.72
C TYR D 87 -19.10 -5.23 -25.60
N TYR D 88 -18.22 -6.22 -25.51
CA TYR D 88 -16.98 -6.25 -26.27
C TYR D 88 -16.95 -7.46 -27.18
N CYS D 89 -16.43 -7.29 -28.39
CA CYS D 89 -16.10 -8.42 -29.25
C CYS D 89 -14.59 -8.62 -29.27
N GLN D 90 -14.19 -9.86 -29.52
CA GLN D 90 -12.79 -10.24 -29.53
C GLN D 90 -12.55 -11.28 -30.61
N GLN D 91 -11.45 -11.15 -31.32
CA GLN D 91 -11.01 -12.16 -32.27
C GLN D 91 -9.78 -12.86 -31.70
N TYR D 92 -9.76 -14.17 -31.90
CA TYR D 92 -8.63 -15.02 -31.45
C TYR D 92 -8.12 -15.85 -32.64
N GLY D 93 -8.09 -15.26 -33.84
CA GLY D 93 -7.62 -16.00 -35.00
C GLY D 93 -6.29 -15.50 -35.54
N SER D 94 -5.97 -14.22 -35.29
CA SER D 94 -4.68 -13.58 -35.66
C SER D 94 -3.75 -13.61 -34.45
N SER D 95 -2.43 -13.41 -34.62
CA SER D 95 -1.48 -13.67 -33.50
C SER D 95 -1.72 -12.82 -32.25
N PRO D 96 -1.95 -11.50 -32.33
CA PRO D 96 -2.29 -10.72 -31.15
C PRO D 96 -3.81 -10.65 -30.94
N ARG D 97 -4.31 -11.30 -29.89
CA ARG D 97 -5.75 -11.25 -29.55
C ARG D 97 -6.13 -9.77 -29.42
N SER D 98 -7.16 -9.33 -30.11
CA SER D 98 -7.58 -7.94 -30.13
C SER D 98 -9.06 -7.85 -29.76
N PHE D 99 -9.42 -6.72 -29.14
CA PHE D 99 -10.78 -6.46 -28.71
C PHE D 99 -11.32 -5.23 -29.44
N GLY D 100 -12.63 -5.22 -29.65
CA GLY D 100 -13.30 -4.00 -30.06
C GLY D 100 -13.35 -2.99 -28.94
N GLN D 101 -13.63 -1.74 -29.31
CA GLN D 101 -13.62 -0.76 -28.24
C GLN D 101 -14.94 -0.70 -27.48
N GLY D 102 -15.87 -1.60 -27.76
CA GLY D 102 -17.04 -1.76 -26.91
C GLY D 102 -18.23 -0.96 -27.38
N THR D 103 -19.42 -1.47 -27.05
CA THR D 103 -20.68 -0.78 -27.30
C THR D 103 -21.43 -0.66 -26.00
N LYS D 104 -21.88 0.56 -25.69
CA LYS D 104 -22.61 0.82 -24.45
C LYS D 104 -24.10 0.67 -24.71
N LEU D 105 -24.74 -0.22 -23.95
CA LEU D 105 -26.17 -0.50 -24.08
C LEU D 105 -26.90 0.20 -22.94
N GLU D 106 -27.60 1.28 -23.27
CA GLU D 106 -28.22 2.16 -22.29
C GLU D 106 -29.74 1.99 -22.31
N ILE D 107 -30.34 2.12 -21.14
CA ILE D 107 -31.80 2.12 -21.03
C ILE D 107 -32.35 3.41 -21.64
N LYS D 108 -33.20 3.27 -22.65
CA LYS D 108 -33.89 4.43 -23.22
C LYS D 108 -35.07 4.77 -22.34
N ARG D 109 -35.08 5.98 -21.82
CA ARG D 109 -35.98 6.40 -20.75
C ARG D 109 -36.83 7.58 -21.20
N THR D 110 -37.76 7.98 -20.35
CA THR D 110 -38.51 9.21 -20.56
C THR D 110 -37.59 10.42 -20.34
N VAL D 111 -37.76 11.43 -21.20
CA VAL D 111 -36.95 12.65 -21.08
C VAL D 111 -37.17 13.26 -19.71
N ALA D 112 -36.08 13.62 -19.05
CA ALA D 112 -36.13 14.21 -17.71
C ALA D 112 -35.18 15.39 -17.65
N ALA D 113 -35.69 16.53 -17.23
CA ALA D 113 -34.84 17.72 -17.14
C ALA D 113 -33.96 17.65 -15.89
N PRO D 114 -32.75 18.18 -15.95
CA PRO D 114 -31.89 18.16 -14.76
C PRO D 114 -32.28 19.24 -13.77
N SER D 115 -32.04 18.94 -12.49
CA SER D 115 -32.12 20.04 -11.53
C SER D 115 -30.72 20.59 -11.34
N VAL D 116 -30.65 21.90 -11.54
CA VAL D 116 -29.37 22.60 -11.66
C VAL D 116 -29.09 23.35 -10.36
N PHE D 117 -27.92 23.10 -9.78
CA PHE D 117 -27.47 23.77 -8.56
C PHE D 117 -26.05 24.28 -8.77
N ILE D 118 -25.69 25.31 -8.01
CA ILE D 118 -24.35 25.90 -8.08
C ILE D 118 -23.84 26.14 -6.67
N PHE D 119 -22.55 25.87 -6.46
CA PHE D 119 -21.90 26.02 -5.17
C PHE D 119 -20.69 26.93 -5.34
N PRO D 120 -20.61 28.03 -4.61
CA PRO D 120 -19.41 28.87 -4.63
C PRO D 120 -18.26 28.17 -3.94
N PRO D 121 -17.03 28.68 -4.06
CA PRO D 121 -15.92 28.08 -3.33
C PRO D 121 -16.03 28.32 -1.84
N SER D 122 -15.63 27.32 -1.06
CA SER D 122 -15.60 27.40 0.39
C SER D 122 -14.57 28.44 0.84
N ASP D 123 -14.78 29.01 2.03
CA ASP D 123 -13.76 29.89 2.60
C ASP D 123 -12.47 29.13 2.91
N GLU D 124 -12.61 27.86 3.30
CA GLU D 124 -11.43 27.03 3.55
C GLU D 124 -10.54 26.94 2.31
N GLN D 125 -11.15 26.73 1.14
CA GLN D 125 -10.36 26.62 -0.08
C GLN D 125 -9.78 27.96 -0.49
N LEU D 126 -10.55 29.04 -0.31
CA LEU D 126 -10.04 30.37 -0.63
C LEU D 126 -8.84 30.73 0.22
N LYS D 127 -8.82 30.26 1.47
CA LYS D 127 -7.64 30.45 2.31
C LYS D 127 -6.42 29.72 1.78
N SER D 128 -6.62 28.72 0.92
CA SER D 128 -5.55 28.02 0.24
C SER D 128 -5.09 28.72 -1.03
N GLY D 129 -5.79 29.77 -1.48
CA GLY D 129 -5.43 30.49 -2.68
C GLY D 129 -6.05 29.97 -3.96
N THR D 130 -7.06 29.13 -3.87
CA THR D 130 -7.71 28.54 -5.04
C THR D 130 -9.22 28.64 -4.86
N ALA D 131 -9.94 28.87 -5.96
CA ALA D 131 -11.39 28.96 -5.94
C ALA D 131 -11.95 27.93 -6.91
N SER D 132 -12.85 27.09 -6.41
CA SER D 132 -13.53 26.14 -7.29
C SER D 132 -15.03 26.31 -7.12
N VAL D 133 -15.66 26.62 -8.25
CA VAL D 133 -17.09 26.77 -8.48
C VAL D 133 -17.64 25.42 -8.92
N VAL D 134 -18.71 24.90 -8.34
CA VAL D 134 -19.23 23.59 -8.72
C VAL D 134 -20.64 23.75 -9.28
N CYS D 135 -20.90 23.14 -10.44
CA CYS D 135 -22.27 23.10 -10.90
C CYS D 135 -22.69 21.65 -11.06
N LEU D 136 -23.89 21.42 -10.54
CA LEU D 136 -24.47 20.09 -10.41
C LEU D 136 -25.74 20.00 -11.24
N LEU D 137 -25.80 18.99 -12.11
CA LEU D 137 -26.99 18.65 -12.88
C LEU D 137 -27.48 17.31 -12.37
N ASN D 138 -28.65 17.33 -11.75
CA ASN D 138 -29.15 16.11 -11.08
C ASN D 138 -30.31 15.43 -11.81
N ASN D 139 -30.20 14.11 -11.95
CA ASN D 139 -31.29 13.23 -12.40
C ASN D 139 -31.96 13.65 -13.72
N PHE D 140 -31.20 13.67 -14.80
CA PHE D 140 -31.69 14.04 -16.14
C PHE D 140 -31.49 12.88 -17.12
N TYR D 141 -32.24 12.94 -18.21
CA TYR D 141 -32.13 12.03 -19.33
C TYR D 141 -32.65 12.76 -20.56
N PRO D 142 -32.01 12.63 -21.73
CA PRO D 142 -30.86 11.77 -22.05
C PRO D 142 -29.52 12.25 -21.48
N ARG D 143 -28.48 11.44 -21.66
CA ARG D 143 -27.18 11.72 -21.08
C ARG D 143 -26.56 12.99 -21.65
N GLU D 144 -26.85 13.31 -22.90
CA GLU D 144 -26.26 14.47 -23.56
C GLU D 144 -26.76 15.75 -22.90
N ALA D 145 -25.84 16.57 -22.41
CA ALA D 145 -26.17 17.82 -21.76
C ALA D 145 -25.01 18.79 -21.94
N LYS D 146 -25.32 20.06 -22.21
CA LYS D 146 -24.28 21.07 -22.45
C LYS D 146 -24.18 21.99 -21.24
N VAL D 147 -22.99 22.07 -20.66
CA VAL D 147 -22.70 22.95 -19.53
C VAL D 147 -21.69 24.00 -20.00
N GLN D 148 -21.99 25.26 -19.75
CA GLN D 148 -21.10 26.36 -20.10
C GLN D 148 -20.85 27.22 -18.87
N TRP D 149 -19.59 27.54 -18.62
CA TRP D 149 -19.23 28.44 -17.52
C TRP D 149 -19.13 29.86 -18.03
N LYS D 150 -19.63 30.81 -17.23
CA LYS D 150 -19.61 32.22 -17.58
C LYS D 150 -19.19 33.04 -16.38
N VAL D 151 -18.09 33.77 -16.52
CA VAL D 151 -17.64 34.67 -15.47
C VAL D 151 -17.65 36.08 -16.07
N ASP D 152 -18.50 36.91 -15.46
CA ASP D 152 -18.79 38.24 -15.99
C ASP D 152 -19.27 38.15 -17.44
N ASN D 153 -20.17 37.20 -17.69
CA ASN D 153 -20.81 36.86 -18.96
C ASN D 153 -19.81 36.53 -20.07
N ALA D 154 -18.55 36.29 -19.70
CA ALA D 154 -17.54 35.83 -20.65
C ALA D 154 -17.46 34.31 -20.60
N LEU D 155 -17.68 33.66 -21.74
CA LEU D 155 -17.65 32.21 -21.72
C LEU D 155 -16.25 31.69 -21.43
N GLN D 156 -16.21 30.74 -20.51
CA GLN D 156 -14.95 30.17 -20.05
C GLN D 156 -14.56 28.96 -20.91
N SER D 157 -13.26 28.67 -20.92
CA SER D 157 -12.72 27.60 -21.74
C SER D 157 -11.40 27.14 -21.12
N GLY D 158 -11.14 25.84 -21.14
CA GLY D 158 -9.87 25.31 -20.69
C GLY D 158 -9.59 25.42 -19.21
N ASN D 159 -10.59 25.77 -18.40
CA ASN D 159 -10.39 25.91 -16.96
C ASN D 159 -11.41 25.13 -16.14
N SER D 160 -12.12 24.18 -16.77
CA SER D 160 -13.20 23.42 -16.16
C SER D 160 -13.01 21.94 -16.45
N GLN D 161 -13.48 21.08 -15.54
CA GLN D 161 -13.50 19.64 -15.78
C GLN D 161 -14.79 19.06 -15.20
N GLU D 162 -15.35 18.07 -15.89
CA GLU D 162 -16.63 17.49 -15.48
C GLU D 162 -16.55 15.98 -15.49
N SER D 163 -17.53 15.37 -14.83
CA SER D 163 -17.68 13.92 -14.76
C SER D 163 -19.16 13.57 -14.68
N VAL D 164 -19.51 12.39 -15.17
CA VAL D 164 -20.86 11.87 -15.30
C VAL D 164 -20.99 10.57 -14.52
N THR D 165 -22.03 10.41 -13.70
CA THR D 165 -22.27 9.15 -13.02
C THR D 165 -22.79 8.10 -14.00
N GLU D 166 -22.74 6.85 -13.57
CA GLU D 166 -23.36 5.78 -14.34
C GLU D 166 -24.88 5.91 -14.30
N GLN D 167 -25.54 5.25 -15.23
CA GLN D 167 -26.99 5.30 -15.30
C GLN D 167 -27.59 4.74 -14.02
N ASP D 168 -28.45 5.52 -13.37
CA ASP D 168 -28.98 5.14 -12.07
C ASP D 168 -29.84 3.89 -12.18
N SER D 169 -29.81 3.06 -11.12
CA SER D 169 -30.54 1.81 -11.14
C SER D 169 -31.99 1.95 -10.70
N LYS D 170 -32.38 3.12 -10.17
CA LYS D 170 -33.75 3.38 -9.73
C LYS D 170 -34.58 4.09 -10.79
N ASP D 171 -34.04 5.18 -11.35
CA ASP D 171 -34.77 5.97 -12.33
C ASP D 171 -34.07 6.09 -13.67
N SER D 172 -32.93 5.43 -13.87
CA SER D 172 -32.22 5.37 -15.15
C SER D 172 -31.82 6.75 -15.66
N THR D 173 -31.58 7.68 -14.75
CA THR D 173 -31.16 9.02 -15.12
C THR D 173 -29.64 9.16 -14.97
N TYR D 174 -29.15 10.36 -15.28
CA TYR D 174 -27.73 10.69 -15.17
C TYR D 174 -27.58 11.95 -14.35
N SER D 175 -26.41 12.09 -13.72
CA SER D 175 -26.03 13.31 -13.05
C SER D 175 -24.64 13.72 -13.52
N LEU D 176 -24.41 15.03 -13.53
CA LEU D 176 -23.18 15.61 -14.04
C LEU D 176 -22.64 16.61 -13.03
N SER D 177 -21.33 16.56 -12.80
CA SER D 177 -20.72 17.57 -11.94
C SER D 177 -19.55 18.20 -12.67
N SER D 178 -19.59 19.53 -12.72
CA SER D 178 -18.53 20.28 -13.36
C SER D 178 -17.91 21.24 -12.36
N THR D 179 -16.59 21.32 -12.42
CA THR D 179 -15.80 22.15 -11.52
C THR D 179 -15.01 23.15 -12.34
N LEU D 180 -15.23 24.43 -12.06
CA LEU D 180 -14.46 25.53 -12.63
C LEU D 180 -13.45 25.99 -11.59
N THR D 181 -12.17 25.97 -11.95
CA THR D 181 -11.10 26.25 -11.00
C THR D 181 -10.32 27.48 -11.46
N LEU D 182 -10.20 28.46 -10.57
CA LEU D 182 -9.38 29.63 -10.85
C LEU D 182 -8.52 29.93 -9.63
N SER D 183 -7.53 30.78 -9.84
CA SER D 183 -6.70 31.40 -8.81
C SER D 183 -7.57 32.28 -7.91
N LYS D 184 -7.25 32.39 -6.63
CA LYS D 184 -7.96 33.34 -5.78
C LYS D 184 -7.81 34.76 -6.31
N ALA D 185 -6.62 35.10 -6.82
CA ALA D 185 -6.40 36.43 -7.37
C ALA D 185 -7.30 36.69 -8.56
N ASP D 186 -7.45 35.71 -9.44
CA ASP D 186 -8.35 35.85 -10.58
C ASP D 186 -9.81 35.74 -10.17
N TYR D 187 -10.10 34.96 -9.13
CA TYR D 187 -11.47 34.83 -8.67
C TYR D 187 -11.99 36.14 -8.09
N GLU D 188 -11.16 36.83 -7.31
CA GLU D 188 -11.58 38.06 -6.66
C GLU D 188 -11.63 39.27 -7.60
N LYS D 189 -11.12 39.14 -8.82
CA LYS D 189 -11.20 40.20 -9.82
C LYS D 189 -12.42 40.07 -10.72
N HIS D 190 -13.44 39.34 -10.28
CA HIS D 190 -14.66 39.17 -11.05
C HIS D 190 -15.84 39.09 -10.09
N LYS D 191 -17.04 39.29 -10.64
CA LYS D 191 -18.17 39.37 -9.73
C LYS D 191 -19.19 38.27 -10.01
N VAL D 192 -19.80 38.11 -11.17
CA VAL D 192 -20.87 37.13 -11.37
C VAL D 192 -20.28 35.84 -11.94
N TYR D 193 -20.60 34.73 -11.29
CA TYR D 193 -20.19 33.40 -11.74
C TYR D 193 -21.44 32.57 -12.00
N ALA D 194 -21.52 31.97 -13.19
CA ALA D 194 -22.72 31.27 -13.58
C ALA D 194 -22.37 30.02 -14.37
N CYS D 195 -23.25 29.02 -14.30
CA CYS D 195 -23.23 27.90 -15.22
C CYS D 195 -24.58 27.83 -15.93
N GLU D 196 -24.52 27.71 -17.25
CA GLU D 196 -25.69 27.63 -18.11
C GLU D 196 -25.79 26.22 -18.67
N VAL D 197 -26.97 25.63 -18.56
CA VAL D 197 -27.22 24.25 -18.94
C VAL D 197 -28.27 24.24 -20.05
N THR D 198 -27.94 23.55 -21.14
CA THR D 198 -28.91 23.23 -22.18
C THR D 198 -29.11 21.72 -22.22
N HIS D 199 -30.37 21.31 -22.30
CA HIS D 199 -30.72 19.89 -22.24
C HIS D 199 -32.06 19.70 -22.94
N GLN D 200 -32.27 18.47 -23.45
CA GLN D 200 -33.48 18.17 -24.20
C GLN D 200 -34.74 18.36 -23.36
N GLY D 201 -34.64 18.16 -22.05
CA GLY D 201 -35.76 18.36 -21.15
C GLY D 201 -36.01 19.78 -20.72
N LEU D 202 -35.19 20.73 -21.17
CA LEU D 202 -35.33 22.13 -20.81
C LEU D 202 -35.88 22.90 -21.99
N SER D 203 -36.96 23.65 -21.76
CA SER D 203 -37.55 24.48 -22.80
C SER D 203 -36.55 25.49 -23.34
N SER D 204 -35.86 26.16 -22.43
CA SER D 204 -34.82 27.14 -22.75
C SER D 204 -33.65 26.90 -21.81
N PRO D 205 -32.47 27.44 -22.14
CA PRO D 205 -31.31 27.25 -21.26
C PRO D 205 -31.60 27.73 -19.84
N VAL D 206 -31.09 26.97 -18.86
CA VAL D 206 -31.22 27.24 -17.43
C VAL D 206 -29.89 27.76 -16.92
N THR D 207 -29.85 28.96 -16.36
CA THR D 207 -28.60 29.50 -15.83
C THR D 207 -28.71 29.69 -14.32
N LYS D 208 -27.72 29.18 -13.61
CA LYS D 208 -27.59 29.39 -12.18
C LYS D 208 -26.35 30.23 -11.92
N SER D 209 -26.52 31.34 -11.21
CA SER D 209 -25.45 32.32 -11.03
C SER D 209 -25.37 32.74 -9.57
N PHE D 210 -24.29 33.44 -9.24
CA PHE D 210 -24.18 34.11 -7.95
C PHE D 210 -23.15 35.23 -8.09
N ASN D 211 -23.18 36.14 -7.12
CA ASN D 211 -22.26 37.27 -7.06
C ASN D 211 -21.26 37.03 -5.93
N ARG D 212 -19.98 37.28 -6.22
CA ARG D 212 -18.93 37.07 -5.22
C ARG D 212 -19.12 38.02 -4.05
N GLY D 213 -18.98 37.49 -2.84
CA GLY D 213 -19.17 38.28 -1.65
C GLY D 213 -20.59 38.41 -1.17
N GLU D 214 -21.50 37.59 -1.70
CA GLU D 214 -22.90 37.62 -1.27
C GLU D 214 -23.37 36.20 -1.03
N CYS D 215 -24.36 36.05 -0.16
CA CYS D 215 -24.85 34.75 0.24
C CYS D 215 -26.19 34.42 -0.43
#